data_6VFD
#
_entry.id   6VFD
#
_cell.length_a   183.079
_cell.length_b   59.340
_cell.length_c   67.440
_cell.angle_alpha   90.000
_cell.angle_beta   94.850
_cell.angle_gamma   90.000
#
_symmetry.space_group_name_H-M   'C 1 2 1'
#
loop_
_entity.id
_entity.type
_entity.pdbx_description
1 polymer 'Tryptophan synthase alpha chain'
2 polymer 'Tryptophan synthase beta chain'
3 non-polymer 1,2-ETHANEDIOL
4 non-polymer SERINE
5 non-polymer 'DIMETHYL SULFOXIDE'
6 non-polymer 'CHLORIDE ION'
7 non-polymer '(2E)-2-[({3-hydroxy-2-methyl-5-[(phosphonooxy)methyl]pyridin-4-yl}methyl)imino]-3-[(2-hydroxyphenyl)amino]propanoic acid'
8 non-polymer 'CESIUM ION'
9 water water
#
loop_
_entity_poly.entity_id
_entity_poly.type
_entity_poly.pdbx_seq_one_letter_code
_entity_poly.pdbx_strand_id
1 'polypeptide(L)'
;MERYENLFAQLNDRREGAFVPFVTLGDPGIEQSLKIIDTLIDAGADALELGVPFSDPLADGPTIQNANLRAFAAGVTPAQ
CFEMLALIREKHPTIPIGLLMYANLVFNNGIDAFYARCEQVGVDSVLVADVPVEESAPFRQAALRHNIAPIFICPPNADD
DLLRQVASYGRGYTYLLSRSGVTGAENRGALPLHHLIEKLKEYHAAPALQGFGISSPEQVSAAVRAGAAGAISGSAIVKI
IEKNLASPKQMLAELRSFVSAMKAASRA
;
A
2 'polypeptide(L)'
;MTTLLNPYFGEFGGMYVPQILMPALNQLEEAFVSAQKDPEFQAQFADLLKNYAGRPTALTKCQNITAGTRTTLYLKREDL
LHGGAHKTNQVLGQALLAKRMGKSEIIAETGAGAHGVASALASALLGLKCRIYMGAKDVERQSPNVFRMRLMGAEVIPVH
SGSATLKDACNEALRDWSGSYETAHYMLGTAAGPHPYPTIVREFQRMIGEETKAQILDKEGRLPDAVIACVGGGSNAIGM
FADFINDTSVGLIGVEPGGHGIETGEHGAPLKHGRVGIYFGMKAPMMQTADGQIEESYSISAGLDFPSVGPQHAYLNSIG
RADYVSITDDEALEAFKTLCRHEGIIPALESSHALAHALKMMREQPEKEQLLVVNLSGRGDKDIFTVHDILKARGEI
;
B
#
loop_
_chem_comp.id
_chem_comp.type
_chem_comp.name
_chem_comp.formula
1D0 non-polymer '(2E)-2-[({3-hydroxy-2-methyl-5-[(phosphonooxy)methyl]pyridin-4-yl}methyl)imino]-3-[(2-hydroxyphenyl)amino]propanoic acid' 'C17 H20 N3 O8 P'
CL non-polymer 'CHLORIDE ION' 'Cl -1'
CS non-polymer 'CESIUM ION' 'Cs 1'
DMS non-polymer 'DIMETHYL SULFOXIDE' 'C2 H6 O S'
EDO non-polymer 1,2-ETHANEDIOL 'C2 H6 O2'
#
# COMPACT_ATOMS: atom_id res chain seq x y z
N MET A 1 -3.20 -33.58 -9.86
CA MET A 1 -1.92 -34.35 -9.68
C MET A 1 -1.57 -34.36 -8.20
N GLU A 2 -0.63 -35.23 -7.83
CA GLU A 2 -0.27 -35.40 -6.43
C GLU A 2 1.24 -35.19 -6.25
N ARG A 3 1.80 -34.13 -6.84
CA ARG A 3 3.25 -34.02 -6.93
C ARG A 3 3.90 -33.84 -5.55
N TYR A 4 3.31 -32.98 -4.71
CA TYR A 4 3.85 -32.75 -3.39
C TYR A 4 3.75 -34.03 -2.54
N GLU A 5 2.57 -34.64 -2.54
CA GLU A 5 2.32 -35.82 -1.73
C GLU A 5 3.28 -36.94 -2.15
N ASN A 6 3.47 -37.08 -3.46
CA ASN A 6 4.33 -38.15 -3.97
C ASN A 6 5.77 -37.87 -3.55
N LEU A 7 6.17 -36.59 -3.58
CA LEU A 7 7.52 -36.21 -3.22
C LEU A 7 7.74 -36.53 -1.75
N PHE A 8 6.82 -36.08 -0.91
CA PHE A 8 6.99 -36.28 0.52
C PHE A 8 6.99 -37.77 0.83
N ALA A 9 6.18 -38.56 0.13
CA ALA A 9 6.11 -39.99 0.39
C ALA A 9 7.47 -40.63 0.08
N GLN A 10 8.08 -40.20 -1.03
CA GLN A 10 9.36 -40.74 -1.46
C GLN A 10 10.47 -40.33 -0.50
N LEU A 11 10.37 -39.09 -0.01
CA LEU A 11 11.39 -38.55 0.88
C LEU A 11 11.25 -39.17 2.27
N ASN A 12 10.02 -39.57 2.63
CA ASN A 12 9.76 -40.15 3.94
C ASN A 12 10.26 -41.59 3.94
N ASP A 13 10.26 -42.21 2.76
CA ASP A 13 10.67 -43.59 2.62
C ASP A 13 12.17 -43.68 2.44
N ARG A 14 12.80 -42.52 2.13
CA ARG A 14 14.25 -42.43 2.03
C ARG A 14 14.80 -41.65 3.22
N ARG A 15 13.95 -41.47 4.26
CA ARG A 15 14.35 -40.74 5.45
C ARG A 15 15.15 -39.51 5.02
N GLU A 16 14.48 -38.60 4.32
CA GLU A 16 15.19 -37.56 3.60
C GLU A 16 14.39 -36.27 3.70
N GLY A 17 15.11 -35.16 3.88
CA GLY A 17 14.48 -33.85 3.89
C GLY A 17 14.30 -33.33 2.46
N ALA A 18 13.34 -32.41 2.30
CA ALA A 18 13.19 -31.73 1.04
C ALA A 18 14.11 -30.51 1.04
N PHE A 19 14.71 -30.21 -0.11
CA PHE A 19 15.32 -28.90 -0.28
C PHE A 19 14.67 -28.24 -1.49
N VAL A 20 14.19 -27.01 -1.31
CA VAL A 20 13.42 -26.29 -2.31
C VAL A 20 14.00 -24.89 -2.48
N PRO A 21 14.55 -24.54 -3.66
CA PRO A 21 15.03 -23.18 -3.92
C PRO A 21 14.00 -22.25 -4.54
N PHE A 22 14.11 -20.95 -4.21
CA PHE A 22 13.33 -19.93 -4.91
C PHE A 22 14.20 -19.20 -5.94
N VAL A 23 13.60 -18.92 -7.11
CA VAL A 23 14.20 -18.07 -8.14
C VAL A 23 13.09 -17.21 -8.75
N THR A 24 13.46 -16.07 -9.32
CA THR A 24 12.54 -15.17 -9.98
C THR A 24 12.49 -15.55 -11.47
N LEU A 25 11.28 -15.75 -12.00
CA LEU A 25 11.14 -16.19 -13.39
C LEU A 25 11.62 -15.08 -14.31
N GLY A 26 12.58 -15.41 -15.20
CA GLY A 26 13.04 -14.41 -16.14
C GLY A 26 14.18 -13.56 -15.60
N ASP A 27 14.68 -13.90 -14.40
CA ASP A 27 15.88 -13.25 -13.90
C ASP A 27 17.10 -14.10 -14.27
N PRO A 28 18.09 -13.58 -15.02
CA PRO A 28 18.10 -12.20 -15.52
C PRO A 28 17.59 -12.03 -16.94
N GLY A 29 17.07 -13.12 -17.52
CA GLY A 29 16.44 -13.11 -18.83
C GLY A 29 15.73 -14.45 -19.00
N ILE A 30 14.91 -14.59 -20.05
CA ILE A 30 14.06 -15.76 -20.19
C ILE A 30 14.92 -16.98 -20.47
N GLU A 31 15.83 -16.88 -21.46
CA GLU A 31 16.60 -18.04 -21.84
C GLU A 31 17.50 -18.44 -20.67
N GLN A 32 18.21 -17.48 -20.08
CA GLN A 32 19.11 -17.79 -18.98
C GLN A 32 18.32 -18.31 -17.78
N SER A 33 17.09 -17.81 -17.62
CA SER A 33 16.27 -18.23 -16.51
C SER A 33 15.96 -19.73 -16.66
N LEU A 34 15.51 -20.10 -17.87
CA LEU A 34 15.25 -21.50 -18.18
C LEU A 34 16.49 -22.36 -17.90
N LYS A 35 17.69 -21.84 -18.21
CA LYS A 35 18.88 -22.65 -18.01
C LYS A 35 19.21 -22.72 -16.52
N ILE A 36 19.00 -21.59 -15.82
CA ILE A 36 19.20 -21.56 -14.38
C ILE A 36 18.36 -22.67 -13.76
N ILE A 37 17.08 -22.67 -14.10
CA ILE A 37 16.13 -23.58 -13.49
C ILE A 37 16.53 -25.03 -13.76
N ASP A 38 16.98 -25.33 -14.99
CA ASP A 38 17.37 -26.69 -15.34
C ASP A 38 18.59 -27.11 -14.52
N THR A 39 19.45 -26.13 -14.19
CA THR A 39 20.63 -26.37 -13.36
C THR A 39 20.21 -26.70 -11.93
N LEU A 40 19.20 -25.98 -11.41
CA LEU A 40 18.73 -26.25 -10.05
C LEU A 40 18.24 -27.69 -9.94
N ILE A 41 17.49 -28.11 -10.96
CA ILE A 41 16.87 -29.43 -10.92
C ILE A 41 17.96 -30.48 -11.06
N ASP A 42 18.86 -30.27 -12.03
CA ASP A 42 19.92 -31.22 -12.30
C ASP A 42 20.85 -31.35 -11.10
N ALA A 43 20.82 -30.37 -10.19
CA ALA A 43 21.77 -30.35 -9.09
C ALA A 43 21.15 -30.87 -7.79
N GLY A 44 19.84 -31.12 -7.81
CA GLY A 44 19.23 -31.86 -6.71
C GLY A 44 18.00 -31.19 -6.10
N ALA A 45 17.51 -30.11 -6.69
CA ALA A 45 16.31 -29.44 -6.21
C ALA A 45 15.14 -30.44 -6.13
N ASP A 46 14.47 -30.50 -4.99
CA ASP A 46 13.37 -31.43 -4.79
C ASP A 46 12.08 -30.85 -5.36
N ALA A 47 11.99 -29.52 -5.34
CA ALA A 47 10.87 -28.76 -5.86
C ALA A 47 11.35 -27.35 -6.17
N LEU A 48 10.47 -26.54 -6.78
CA LEU A 48 10.82 -25.18 -7.14
C LEU A 48 9.78 -24.24 -6.51
N GLU A 49 10.23 -23.05 -6.13
CA GLU A 49 9.34 -21.93 -5.86
C GLU A 49 9.75 -20.79 -6.79
N LEU A 50 8.80 -20.34 -7.59
CA LEU A 50 9.07 -19.46 -8.71
C LEU A 50 8.27 -18.17 -8.52
N GLY A 51 8.97 -17.04 -8.61
CA GLY A 51 8.32 -15.74 -8.51
C GLY A 51 7.95 -15.17 -9.88
N VAL A 52 6.84 -14.43 -9.92
CA VAL A 52 6.49 -13.69 -11.12
C VAL A 52 6.79 -12.22 -10.85
N PRO A 53 7.59 -11.54 -11.72
CA PRO A 53 7.96 -10.15 -11.48
C PRO A 53 6.73 -9.26 -11.32
N PHE A 54 6.77 -8.41 -10.28
CA PHE A 54 5.65 -7.56 -9.91
C PHE A 54 6.20 -6.18 -9.52
N SER A 55 5.39 -5.15 -9.81
CA SER A 55 5.77 -3.76 -9.67
C SER A 55 6.09 -3.41 -8.22
N ASP A 56 5.43 -4.08 -7.27
CA ASP A 56 5.38 -3.62 -5.89
C ASP A 56 5.43 -4.80 -4.92
N PRO A 57 6.57 -5.53 -4.86
CA PRO A 57 6.66 -6.77 -4.07
C PRO A 57 6.84 -6.54 -2.56
N LEU A 58 5.71 -6.39 -1.85
CA LEU A 58 5.66 -5.90 -0.47
C LEU A 58 6.40 -6.83 0.50
N ALA A 59 6.49 -8.12 0.19
CA ALA A 59 7.01 -9.08 1.16
C ALA A 59 8.47 -9.40 0.87
N ASP A 60 9.08 -8.68 -0.07
CA ASP A 60 10.42 -9.03 -0.51
C ASP A 60 11.43 -7.99 -0.02
N GLY A 61 12.60 -8.50 0.41
CA GLY A 61 13.74 -7.66 0.72
C GLY A 61 14.50 -7.26 -0.54
N PRO A 62 15.65 -6.57 -0.42
CA PRO A 62 16.37 -6.01 -1.57
C PRO A 62 16.90 -7.05 -2.57
N THR A 63 17.27 -8.23 -2.07
CA THR A 63 17.76 -9.28 -2.94
C THR A 63 16.75 -9.53 -4.06
N ILE A 64 15.49 -9.77 -3.68
CA ILE A 64 14.49 -10.18 -4.65
C ILE A 64 13.90 -8.96 -5.35
N GLN A 65 13.87 -7.82 -4.65
CA GLN A 65 13.53 -6.56 -5.30
C GLN A 65 14.36 -6.38 -6.56
N ASN A 66 15.69 -6.60 -6.45
CA ASN A 66 16.60 -6.42 -7.56
C ASN A 66 16.40 -7.51 -8.62
N ALA A 67 16.04 -8.73 -8.17
CA ALA A 67 15.71 -9.78 -9.10
C ALA A 67 14.56 -9.34 -10.01
N ASN A 68 13.54 -8.70 -9.42
CA ASN A 68 12.42 -8.20 -10.20
C ASN A 68 12.85 -7.14 -11.21
N LEU A 69 13.70 -6.20 -10.77
CA LEU A 69 14.24 -5.17 -11.63
C LEU A 69 14.90 -5.81 -12.84
N ARG A 70 15.75 -6.81 -12.57
CA ARG A 70 16.49 -7.48 -13.62
C ARG A 70 15.53 -8.06 -14.65
N ALA A 71 14.46 -8.73 -14.18
CA ALA A 71 13.44 -9.34 -15.03
C ALA A 71 12.69 -8.31 -15.86
N PHE A 72 12.25 -7.22 -15.22
CA PHE A 72 11.51 -6.15 -15.89
C PHE A 72 12.41 -5.52 -16.94
N ALA A 73 13.68 -5.36 -16.58
CA ALA A 73 14.69 -4.82 -17.48
C ALA A 73 14.82 -5.69 -18.74
N ALA A 74 14.37 -6.95 -18.64
CA ALA A 74 14.39 -7.85 -19.79
C ALA A 74 13.00 -7.92 -20.42
N GLY A 75 12.05 -7.15 -19.88
CA GLY A 75 10.71 -7.08 -20.43
C GLY A 75 9.84 -8.29 -20.10
N VAL A 76 10.09 -8.93 -18.96
CA VAL A 76 9.39 -10.15 -18.62
C VAL A 76 7.97 -9.80 -18.13
N THR A 77 6.97 -10.50 -18.66
CA THR A 77 5.57 -10.26 -18.35
C THR A 77 4.97 -11.53 -17.74
N PRO A 78 3.81 -11.46 -17.05
CA PRO A 78 3.17 -12.67 -16.52
C PRO A 78 2.85 -13.71 -17.60
N ALA A 79 2.39 -13.25 -18.77
CA ALA A 79 2.08 -14.20 -19.84
C ALA A 79 3.33 -14.97 -20.24
N GLN A 80 4.47 -14.27 -20.29
CA GLN A 80 5.72 -14.91 -20.64
C GLN A 80 6.09 -15.91 -19.55
N CYS A 81 5.74 -15.58 -18.31
CA CYS A 81 6.03 -16.47 -17.20
C CYS A 81 5.24 -17.77 -17.34
N PHE A 82 3.98 -17.66 -17.76
CA PHE A 82 3.16 -18.86 -17.96
C PHE A 82 3.69 -19.70 -19.13
N GLU A 83 4.27 -19.04 -20.15
CA GLU A 83 4.87 -19.77 -21.25
C GLU A 83 6.05 -20.59 -20.73
N MET A 84 6.89 -19.94 -19.92
CA MET A 84 8.04 -20.60 -19.32
C MET A 84 7.57 -21.80 -18.49
N LEU A 85 6.56 -21.59 -17.64
CA LEU A 85 6.11 -22.64 -16.74
C LEU A 85 5.70 -23.88 -17.54
N ALA A 86 5.04 -23.66 -18.68
CA ALA A 86 4.61 -24.77 -19.51
C ALA A 86 5.83 -25.53 -20.02
N LEU A 87 6.89 -24.79 -20.41
CA LEU A 87 8.08 -25.41 -20.99
C LEU A 87 8.81 -26.19 -19.90
N ILE A 88 8.79 -25.66 -18.68
CA ILE A 88 9.46 -26.29 -17.54
C ILE A 88 8.79 -27.62 -17.22
N ARG A 89 7.47 -27.59 -17.04
CA ARG A 89 6.73 -28.81 -16.75
C ARG A 89 6.87 -29.83 -17.88
N GLU A 90 6.98 -29.37 -19.13
CA GLU A 90 7.07 -30.30 -20.26
C GLU A 90 8.39 -31.08 -20.17
N LYS A 91 9.40 -30.47 -19.55
CA LYS A 91 10.71 -31.10 -19.45
C LYS A 91 10.80 -31.97 -18.19
N HIS A 92 10.01 -31.63 -17.18
CA HIS A 92 10.25 -32.17 -15.86
C HIS A 92 8.89 -32.57 -15.28
N PRO A 93 8.42 -33.82 -15.50
CA PRO A 93 7.04 -34.16 -15.16
C PRO A 93 6.68 -34.29 -13.69
N THR A 94 7.66 -34.51 -12.82
CA THR A 94 7.30 -34.89 -11.46
C THR A 94 7.64 -33.82 -10.43
N ILE A 95 8.61 -32.93 -10.74
CA ILE A 95 9.05 -31.96 -9.76
C ILE A 95 7.91 -31.02 -9.41
N PRO A 96 7.57 -30.85 -8.12
CA PRO A 96 6.58 -29.87 -7.72
C PRO A 96 7.02 -28.44 -8.03
N ILE A 97 6.09 -27.67 -8.59
CA ILE A 97 6.36 -26.30 -8.99
C ILE A 97 5.37 -25.43 -8.24
N GLY A 98 5.90 -24.57 -7.36
CA GLY A 98 5.03 -23.63 -6.68
C GLY A 98 5.34 -22.22 -7.15
N LEU A 99 4.30 -21.39 -7.22
CA LEU A 99 4.49 -19.98 -7.53
C LEU A 99 4.38 -19.17 -6.25
N LEU A 100 5.20 -18.12 -6.18
CA LEU A 100 5.03 -17.07 -5.19
C LEU A 100 4.50 -15.87 -5.95
N MET A 101 3.25 -15.48 -5.65
CA MET A 101 2.54 -14.43 -6.35
C MET A 101 2.21 -13.27 -5.41
N TYR A 102 2.00 -12.10 -6.02
CA TYR A 102 1.32 -10.98 -5.40
C TYR A 102 -0.14 -10.97 -5.81
N ALA A 103 -0.99 -10.56 -4.85
CA ALA A 103 -2.42 -10.71 -5.02
C ALA A 103 -2.90 -10.06 -6.32
N ASN A 104 -2.40 -8.86 -6.64
CA ASN A 104 -3.00 -8.19 -7.79
C ASN A 104 -2.83 -9.02 -9.06
N LEU A 105 -1.75 -9.81 -9.17
CA LEU A 105 -1.51 -10.54 -10.40
C LEU A 105 -2.45 -11.74 -10.51
N VAL A 106 -2.94 -12.21 -9.35
CA VAL A 106 -3.87 -13.32 -9.31
C VAL A 106 -5.28 -12.77 -9.55
N PHE A 107 -5.56 -11.59 -8.99
CA PHE A 107 -6.89 -11.00 -9.05
C PHE A 107 -7.15 -10.36 -10.41
N ASN A 108 -6.09 -9.99 -11.14
CA ASN A 108 -6.16 -9.10 -12.29
C ASN A 108 -7.20 -9.52 -13.32
N ASN A 109 -7.08 -10.75 -13.85
CA ASN A 109 -8.02 -11.10 -14.90
C ASN A 109 -9.05 -12.08 -14.37
N GLY A 110 -9.26 -12.09 -13.04
CA GLY A 110 -10.19 -13.03 -12.43
C GLY A 110 -9.44 -14.14 -11.68
N ILE A 111 -9.87 -14.39 -10.44
CA ILE A 111 -9.11 -15.30 -9.59
C ILE A 111 -9.24 -16.70 -10.16
N ASP A 112 -10.47 -17.08 -10.53
CA ASP A 112 -10.68 -18.42 -11.07
C ASP A 112 -9.82 -18.65 -12.30
N ALA A 113 -9.82 -17.68 -13.22
CA ALA A 113 -9.07 -17.81 -14.46
C ALA A 113 -7.58 -17.96 -14.20
N PHE A 114 -7.03 -17.25 -13.20
CA PHE A 114 -5.62 -17.39 -12.88
C PHE A 114 -5.30 -18.84 -12.50
N TYR A 115 -6.13 -19.39 -11.61
CA TYR A 115 -5.85 -20.73 -11.12
C TYR A 115 -6.07 -21.75 -12.22
N ALA A 116 -7.01 -21.47 -13.12
CA ALA A 116 -7.26 -22.37 -14.24
C ALA A 116 -6.03 -22.41 -15.14
N ARG A 117 -5.38 -21.27 -15.30
CA ARG A 117 -4.20 -21.21 -16.15
C ARG A 117 -3.06 -21.96 -15.46
N CYS A 118 -2.95 -21.83 -14.13
CA CYS A 118 -1.93 -22.56 -13.38
C CYS A 118 -2.07 -24.07 -13.61
N GLU A 119 -3.31 -24.56 -13.53
CA GLU A 119 -3.59 -25.97 -13.74
C GLU A 119 -3.22 -26.38 -15.16
N GLN A 120 -3.54 -25.53 -16.13
CA GLN A 120 -3.27 -25.85 -17.53
C GLN A 120 -1.78 -26.06 -17.78
N VAL A 121 -0.91 -25.27 -17.12
CA VAL A 121 0.53 -25.35 -17.39
C VAL A 121 1.23 -26.32 -16.44
N GLY A 122 0.49 -26.85 -15.45
CA GLY A 122 1.04 -27.90 -14.60
C GLY A 122 1.70 -27.40 -13.31
N VAL A 123 1.36 -26.20 -12.84
CA VAL A 123 1.76 -25.69 -11.54
C VAL A 123 1.09 -26.51 -10.43
N ASP A 124 1.78 -26.66 -9.27
CA ASP A 124 1.25 -27.47 -8.16
C ASP A 124 0.75 -26.63 -6.98
N SER A 125 1.34 -25.45 -6.75
CA SER A 125 0.91 -24.64 -5.62
C SER A 125 1.10 -23.16 -5.91
N VAL A 126 0.35 -22.35 -5.16
CA VAL A 126 0.45 -20.90 -5.22
C VAL A 126 0.44 -20.36 -3.80
N LEU A 127 1.49 -19.58 -3.48
CA LEU A 127 1.53 -18.82 -2.25
C LEU A 127 1.31 -17.36 -2.64
N VAL A 128 0.27 -16.75 -2.10
CA VAL A 128 0.04 -15.35 -2.42
C VAL A 128 0.56 -14.52 -1.25
N ALA A 129 1.62 -13.74 -1.49
CA ALA A 129 2.42 -13.19 -0.41
C ALA A 129 1.63 -12.21 0.46
N ASP A 130 0.71 -11.45 -0.14
CA ASP A 130 0.00 -10.40 0.58
C ASP A 130 -1.46 -10.75 0.82
N VAL A 131 -1.78 -12.05 0.84
CA VAL A 131 -3.09 -12.48 1.27
C VAL A 131 -2.96 -13.28 2.56
N PRO A 132 -3.34 -12.74 3.73
CA PRO A 132 -3.32 -13.54 4.96
C PRO A 132 -4.49 -14.52 4.97
N VAL A 133 -4.46 -15.50 5.89
CA VAL A 133 -5.53 -16.49 5.93
C VAL A 133 -6.87 -15.81 6.08
N GLU A 134 -6.90 -14.66 6.76
CA GLU A 134 -8.13 -13.92 6.99
C GLU A 134 -8.78 -13.49 5.67
N GLU A 135 -8.00 -13.27 4.61
CA GLU A 135 -8.53 -12.80 3.34
C GLU A 135 -8.50 -13.89 2.26
N SER A 136 -8.24 -15.14 2.65
CA SER A 136 -7.77 -16.14 1.69
C SER A 136 -8.92 -16.90 1.01
N ALA A 137 -10.14 -16.77 1.52
CA ALA A 137 -11.20 -17.66 1.08
C ALA A 137 -11.31 -17.80 -0.45
N PRO A 138 -11.46 -16.73 -1.25
CA PRO A 138 -11.66 -16.89 -2.70
C PRO A 138 -10.42 -17.46 -3.39
N PHE A 139 -9.25 -17.26 -2.79
CA PHE A 139 -8.02 -17.79 -3.37
C PHE A 139 -7.91 -19.29 -3.10
N ARG A 140 -8.20 -19.72 -1.87
N ARG A 140 -8.15 -19.68 -1.84
CA ARG A 140 -8.01 -21.13 -1.59
CA ARG A 140 -8.11 -21.09 -1.47
C ARG A 140 -9.12 -21.94 -2.27
C ARG A 140 -9.08 -21.85 -2.36
N GLN A 141 -10.30 -21.34 -2.44
CA GLN A 141 -11.39 -22.01 -3.15
C GLN A 141 -11.01 -22.24 -4.62
N ALA A 142 -10.64 -21.16 -5.31
CA ALA A 142 -10.22 -21.28 -6.70
C ALA A 142 -9.05 -22.26 -6.84
N ALA A 143 -8.08 -22.19 -5.92
CA ALA A 143 -6.93 -23.08 -6.01
C ALA A 143 -7.41 -24.53 -5.97
N LEU A 144 -8.26 -24.85 -4.99
CA LEU A 144 -8.62 -26.25 -4.82
C LEU A 144 -9.47 -26.73 -6.00
N ARG A 145 -10.32 -25.85 -6.57
CA ARG A 145 -11.16 -26.26 -7.68
C ARG A 145 -10.31 -26.58 -8.91
N HIS A 146 -9.07 -26.09 -8.95
CA HIS A 146 -8.21 -26.32 -10.10
C HIS A 146 -7.00 -27.17 -9.74
N ASN A 147 -7.08 -27.91 -8.63
CA ASN A 147 -6.05 -28.90 -8.31
C ASN A 147 -4.72 -28.23 -7.98
N ILE A 148 -4.79 -27.01 -7.46
CA ILE A 148 -3.61 -26.28 -7.03
C ILE A 148 -3.63 -26.22 -5.50
N ALA A 149 -2.47 -26.46 -4.88
CA ALA A 149 -2.35 -26.35 -3.44
C ALA A 149 -2.19 -24.88 -3.06
N PRO A 150 -3.05 -24.32 -2.19
CA PRO A 150 -2.83 -22.99 -1.64
C PRO A 150 -1.86 -23.11 -0.47
N ILE A 151 -0.76 -22.34 -0.52
CA ILE A 151 0.29 -22.38 0.50
C ILE A 151 0.15 -21.18 1.43
N PHE A 152 0.23 -21.47 2.74
CA PHE A 152 0.11 -20.43 3.73
C PHE A 152 1.40 -20.32 4.54
N ILE A 153 1.72 -19.09 4.95
CA ILE A 153 2.88 -18.86 5.81
C ILE A 153 2.46 -18.96 7.28
N CYS A 154 3.26 -19.73 8.03
CA CYS A 154 3.14 -19.80 9.46
C CYS A 154 4.30 -18.96 10.02
N PRO A 155 4.02 -17.73 10.50
CA PRO A 155 5.07 -16.80 10.89
C PRO A 155 5.57 -17.08 12.31
N PRO A 156 6.70 -16.48 12.74
CA PRO A 156 7.26 -16.72 14.07
C PRO A 156 6.43 -16.07 15.18
N ASN A 157 5.43 -15.27 14.79
CA ASN A 157 4.56 -14.62 15.75
C ASN A 157 3.18 -15.26 15.76
N ALA A 158 3.08 -16.52 15.32
CA ALA A 158 1.81 -17.21 15.16
C ALA A 158 1.20 -17.55 16.52
N ASP A 159 -0.11 -17.76 16.56
CA ASP A 159 -0.83 -18.23 17.75
C ASP A 159 -1.54 -19.55 17.41
N ASP A 160 -2.27 -20.09 18.39
CA ASP A 160 -2.86 -21.42 18.26
C ASP A 160 -4.05 -21.41 17.30
N ASP A 161 -4.81 -20.30 17.31
CA ASP A 161 -5.94 -20.17 16.41
C ASP A 161 -5.43 -20.13 14.96
N LEU A 162 -4.32 -19.42 14.75
CA LEU A 162 -3.71 -19.35 13.43
C LEU A 162 -3.18 -20.71 13.01
N LEU A 163 -2.69 -21.50 13.98
CA LEU A 163 -2.09 -22.78 13.63
C LEU A 163 -3.17 -23.74 13.12
N ARG A 164 -4.35 -23.69 13.76
CA ARG A 164 -5.47 -24.50 13.33
C ARG A 164 -5.94 -24.07 11.94
N GLN A 165 -5.93 -22.75 11.67
CA GLN A 165 -6.44 -22.24 10.40
C GLN A 165 -5.50 -22.64 9.28
N VAL A 166 -4.20 -22.42 9.49
CA VAL A 166 -3.21 -22.79 8.48
C VAL A 166 -3.29 -24.31 8.24
N ALA A 167 -3.36 -25.08 9.33
CA ALA A 167 -3.41 -26.54 9.21
C ALA A 167 -4.61 -26.94 8.35
N SER A 168 -5.76 -26.32 8.63
CA SER A 168 -7.00 -26.66 7.95
C SER A 168 -7.01 -26.23 6.49
N TYR A 169 -6.43 -25.06 6.18
CA TYR A 169 -6.63 -24.42 4.88
C TYR A 169 -5.52 -24.76 3.89
N GLY A 170 -4.32 -25.04 4.41
CA GLY A 170 -3.18 -25.20 3.52
C GLY A 170 -3.08 -26.61 2.95
N ARG A 171 -2.39 -26.74 1.81
N ARG A 171 -2.37 -26.74 1.82
CA ARG A 171 -2.14 -28.04 1.22
CA ARG A 171 -2.18 -28.02 1.15
C ARG A 171 -0.74 -28.03 0.63
C ARG A 171 -0.79 -28.02 0.54
N GLY A 172 -0.25 -29.22 0.27
CA GLY A 172 1.06 -29.30 -0.36
C GLY A 172 2.16 -29.23 0.70
N TYR A 173 2.46 -28.02 1.20
CA TYR A 173 3.27 -27.88 2.40
C TYR A 173 2.92 -26.60 3.14
N THR A 174 3.27 -26.57 4.42
CA THR A 174 3.15 -25.36 5.22
C THR A 174 4.47 -24.60 5.17
N TYR A 175 4.40 -23.31 4.83
CA TYR A 175 5.58 -22.47 4.78
C TYR A 175 5.88 -21.96 6.18
N LEU A 176 6.93 -22.51 6.80
CA LEU A 176 7.27 -22.12 8.16
C LEU A 176 8.19 -20.89 8.10
N LEU A 177 7.67 -19.77 8.64
CA LEU A 177 8.43 -18.56 8.90
C LEU A 177 8.73 -17.79 7.61
N LEU A 193 10.74 -23.69 15.64
CA LEU A 193 10.55 -24.21 17.02
C LEU A 193 9.68 -25.47 16.98
N HIS A 194 9.66 -26.18 18.12
CA HIS A 194 9.10 -27.51 18.20
C HIS A 194 7.64 -27.45 18.58
N HIS A 195 7.25 -26.36 19.26
CA HIS A 195 5.85 -26.10 19.56
C HIS A 195 5.08 -25.96 18.26
N LEU A 196 5.67 -25.23 17.29
CA LEU A 196 5.01 -25.00 16.01
C LEU A 196 4.91 -26.32 15.24
N ILE A 197 6.04 -27.02 15.14
CA ILE A 197 6.13 -28.19 14.27
C ILE A 197 5.19 -29.29 14.76
N GLU A 198 5.09 -29.46 16.09
CA GLU A 198 4.33 -30.55 16.67
C GLU A 198 2.85 -30.25 16.65
N LYS A 199 2.49 -28.99 16.93
CA LYS A 199 1.11 -28.53 16.83
C LYS A 199 0.60 -28.66 15.39
N LEU A 200 1.48 -28.36 14.43
CA LEU A 200 1.09 -28.45 13.03
C LEU A 200 0.74 -29.90 12.68
N LYS A 201 1.57 -30.84 13.17
CA LYS A 201 1.37 -32.26 12.96
C LYS A 201 0.14 -32.72 13.72
N GLU A 202 -0.01 -32.23 14.96
CA GLU A 202 -1.16 -32.55 15.77
C GLU A 202 -2.43 -32.17 15.02
N TYR A 203 -2.35 -31.06 14.27
CA TYR A 203 -3.51 -30.52 13.57
C TYR A 203 -3.54 -31.03 12.13
N HIS A 204 -2.70 -32.02 11.83
CA HIS A 204 -2.67 -32.67 10.52
C HIS A 204 -2.48 -31.64 9.41
N ALA A 205 -1.53 -30.72 9.62
CA ALA A 205 -1.21 -29.73 8.61
C ALA A 205 -0.40 -30.39 7.50
N ALA A 206 -0.44 -29.79 6.31
CA ALA A 206 0.48 -30.17 5.24
C ALA A 206 1.88 -30.18 5.83
N PRO A 207 2.78 -31.06 5.33
CA PRO A 207 4.14 -31.18 5.86
C PRO A 207 4.82 -29.81 5.86
N ALA A 208 5.62 -29.53 6.89
CA ALA A 208 6.17 -28.20 7.07
C ALA A 208 7.53 -28.08 6.41
N LEU A 209 7.73 -27.01 5.63
CA LEU A 209 9.03 -26.62 5.15
C LEU A 209 9.46 -25.35 5.86
N GLN A 210 10.69 -25.37 6.39
CA GLN A 210 11.29 -24.22 7.04
C GLN A 210 11.87 -23.32 5.95
N GLY A 211 11.56 -22.01 6.00
CA GLY A 211 12.01 -21.09 4.98
C GLY A 211 12.71 -19.85 5.55
N PHE A 212 13.14 -19.96 6.82
CA PHE A 212 13.60 -18.81 7.59
C PHE A 212 15.09 -18.57 7.35
N GLY A 213 15.40 -17.72 6.36
CA GLY A 213 16.78 -17.37 6.05
C GLY A 213 17.70 -18.59 6.02
N ILE A 214 17.29 -19.63 5.29
CA ILE A 214 18.09 -20.84 5.18
C ILE A 214 19.10 -20.66 4.05
N SER A 215 20.40 -20.63 4.37
CA SER A 215 21.41 -20.28 3.39
CA SER A 215 21.42 -20.27 3.40
C SER A 215 22.66 -21.17 3.50
N SER A 216 22.56 -22.25 4.30
CA SER A 216 23.69 -23.15 4.40
C SER A 216 23.22 -24.57 4.73
N PRO A 217 24.01 -25.60 4.36
CA PRO A 217 23.64 -27.01 4.57
C PRO A 217 23.23 -27.39 6.00
N GLU A 218 23.86 -26.77 7.00
CA GLU A 218 23.52 -27.09 8.38
C GLU A 218 22.05 -26.73 8.63
N GLN A 219 21.62 -25.58 8.11
CA GLN A 219 20.25 -25.10 8.31
C GLN A 219 19.25 -26.18 7.92
N VAL A 220 19.49 -26.81 6.77
CA VAL A 220 18.64 -27.86 6.21
C VAL A 220 18.60 -29.03 7.20
N SER A 221 19.80 -29.44 7.64
CA SER A 221 19.93 -30.49 8.63
C SER A 221 19.11 -30.15 9.88
N ALA A 222 19.28 -28.91 10.36
CA ALA A 222 18.70 -28.50 11.63
C ALA A 222 17.17 -28.47 11.51
N ALA A 223 16.71 -28.09 10.31
CA ALA A 223 15.27 -28.04 10.04
C ALA A 223 14.69 -29.44 10.16
N VAL A 224 15.33 -30.41 9.47
CA VAL A 224 14.84 -31.78 9.37
C VAL A 224 14.81 -32.42 10.76
N ARG A 225 15.79 -32.06 11.59
CA ARG A 225 15.97 -32.61 12.92
C ARG A 225 14.86 -32.11 13.85
N ALA A 226 14.41 -30.87 13.62
CA ALA A 226 13.37 -30.25 14.43
C ALA A 226 12.02 -30.90 14.14
N GLY A 227 11.94 -31.65 13.04
CA GLY A 227 10.74 -32.39 12.70
C GLY A 227 10.03 -31.80 11.49
N ALA A 228 10.71 -30.88 10.80
CA ALA A 228 10.21 -30.35 9.54
C ALA A 228 10.49 -31.34 8.43
N ALA A 229 9.70 -31.28 7.34
CA ALA A 229 9.82 -32.19 6.22
C ALA A 229 10.92 -31.75 5.26
N GLY A 230 11.43 -30.53 5.45
CA GLY A 230 12.47 -30.03 4.57
C GLY A 230 12.70 -28.54 4.76
N ALA A 231 13.42 -27.92 3.83
CA ALA A 231 13.74 -26.51 3.95
C ALA A 231 13.64 -25.80 2.59
N ILE A 232 13.24 -24.53 2.64
CA ILE A 232 13.11 -23.68 1.46
C ILE A 232 14.17 -22.59 1.53
N SER A 233 14.92 -22.43 0.44
CA SER A 233 15.96 -21.41 0.44
C SER A 233 15.47 -20.23 -0.36
N GLY A 234 14.74 -19.35 0.32
CA GLY A 234 13.98 -18.28 -0.31
C GLY A 234 14.83 -17.16 -0.90
N SER A 235 16.16 -17.14 -0.66
CA SER A 235 16.92 -16.00 -1.13
C SER A 235 18.34 -16.34 -1.59
N ALA A 236 19.02 -17.25 -0.88
CA ALA A 236 20.44 -17.51 -1.12
C ALA A 236 20.74 -17.83 -2.58
N ILE A 237 19.75 -18.37 -3.31
CA ILE A 237 19.94 -18.72 -4.71
C ILE A 237 20.11 -17.47 -5.56
N VAL A 238 19.28 -16.45 -5.31
CA VAL A 238 19.27 -15.25 -6.14
C VAL A 238 20.53 -14.44 -5.88
N LYS A 239 21.04 -14.55 -4.64
CA LYS A 239 22.33 -13.97 -4.30
C LYS A 239 23.38 -14.48 -5.29
N ILE A 240 23.37 -15.80 -5.54
CA ILE A 240 24.39 -16.40 -6.39
C ILE A 240 24.20 -15.93 -7.83
N ILE A 241 22.94 -15.82 -8.26
CA ILE A 241 22.65 -15.23 -9.56
C ILE A 241 23.25 -13.84 -9.59
N GLU A 242 23.11 -13.12 -8.46
CA GLU A 242 23.42 -11.71 -8.40
C GLU A 242 24.92 -11.50 -8.56
N LYS A 243 25.70 -12.39 -7.92
CA LYS A 243 27.14 -12.25 -7.82
C LYS A 243 27.85 -12.62 -9.13
N ASN A 244 27.15 -13.34 -10.02
CA ASN A 244 27.82 -13.98 -11.15
C ASN A 244 27.22 -13.52 -12.47
N LEU A 245 26.62 -12.33 -12.48
CA LEU A 245 25.90 -11.86 -13.66
C LEU A 245 26.82 -11.83 -14.87
N ALA A 246 28.07 -11.37 -14.67
CA ALA A 246 29.02 -11.14 -15.75
C ALA A 246 29.56 -12.46 -16.32
N SER A 247 29.19 -13.58 -15.67
CA SER A 247 29.77 -14.88 -15.97
C SER A 247 28.68 -15.95 -15.94
N PRO A 248 27.87 -16.08 -17.02
CA PRO A 248 26.75 -17.01 -17.05
C PRO A 248 27.21 -18.45 -16.76
N LYS A 249 28.39 -18.78 -17.30
CA LYS A 249 28.96 -20.11 -17.13
C LYS A 249 29.20 -20.38 -15.65
N GLN A 250 29.93 -19.48 -14.98
CA GLN A 250 30.28 -19.68 -13.59
C GLN A 250 29.02 -19.64 -12.70
N MET A 251 28.04 -18.82 -13.12
CA MET A 251 26.78 -18.76 -12.39
C MET A 251 26.25 -20.18 -12.17
N LEU A 252 26.19 -20.93 -13.27
CA LEU A 252 25.61 -22.26 -13.24
C LEU A 252 26.43 -23.16 -12.32
N ALA A 253 27.77 -23.06 -12.42
CA ALA A 253 28.64 -23.88 -11.62
C ALA A 253 28.40 -23.63 -10.13
N GLU A 254 28.24 -22.35 -9.76
CA GLU A 254 28.09 -22.02 -8.35
C GLU A 254 26.72 -22.48 -7.84
N LEU A 255 25.70 -22.21 -8.65
CA LEU A 255 24.33 -22.70 -8.43
C LEU A 255 24.36 -24.20 -8.16
N ARG A 256 24.97 -24.95 -9.08
CA ARG A 256 25.00 -26.40 -8.98
C ARG A 256 25.68 -26.79 -7.68
N SER A 257 26.84 -26.19 -7.43
CA SER A 257 27.63 -26.43 -6.24
C SER A 257 26.76 -26.26 -5.00
N PHE A 258 26.09 -25.11 -4.93
CA PHE A 258 25.33 -24.75 -3.75
C PHE A 258 24.21 -25.75 -3.52
N VAL A 259 23.44 -26.03 -4.59
CA VAL A 259 22.25 -26.85 -4.46
C VAL A 259 22.67 -28.26 -4.01
N SER A 260 23.74 -28.78 -4.62
CA SER A 260 24.24 -30.10 -4.25
C SER A 260 24.53 -30.17 -2.76
N ALA A 261 25.21 -29.14 -2.23
CA ALA A 261 25.55 -29.10 -0.82
C ALA A 261 24.28 -29.14 0.02
N MET A 262 23.34 -28.25 -0.33
CA MET A 262 22.09 -28.12 0.41
C MET A 262 21.37 -29.46 0.38
N LYS A 263 21.31 -30.05 -0.83
CA LYS A 263 20.59 -31.30 -1.00
C LYS A 263 21.30 -32.42 -0.25
N ALA A 264 22.63 -32.36 -0.17
CA ALA A 264 23.38 -33.38 0.55
C ALA A 264 22.94 -33.44 2.01
N ALA A 265 22.71 -32.26 2.59
CA ALA A 265 22.43 -32.08 4.00
C ALA A 265 21.06 -32.64 4.40
N SER A 266 20.26 -33.03 3.40
CA SER A 266 18.89 -33.47 3.66
C SER A 266 18.81 -34.99 3.71
N ARG A 267 19.84 -35.67 3.18
CA ARG A 267 19.89 -37.13 3.22
C ARG A 267 20.25 -37.54 4.64
N ALA A 268 20.87 -36.60 5.35
CA ALA A 268 21.19 -36.67 6.76
C ALA A 268 21.85 -35.35 7.14
N THR B 2 -10.17 -12.35 12.36
CA THR B 2 -11.09 -11.81 13.43
C THR B 2 -10.72 -10.35 13.67
N THR B 3 -11.73 -9.48 13.63
CA THR B 3 -11.50 -8.07 13.94
C THR B 3 -12.65 -7.55 14.81
N LEU B 4 -12.43 -6.37 15.42
CA LEU B 4 -13.44 -5.73 16.25
C LEU B 4 -14.36 -4.89 15.36
N LEU B 5 -13.79 -4.34 14.30
CA LEU B 5 -14.52 -3.45 13.41
C LEU B 5 -14.50 -4.01 11.99
N ASN B 6 -15.47 -3.57 11.18
CA ASN B 6 -15.60 -4.08 9.82
C ASN B 6 -14.44 -3.54 8.97
N PRO B 7 -13.58 -4.40 8.38
CA PRO B 7 -12.44 -3.93 7.59
C PRO B 7 -12.83 -3.44 6.19
N TYR B 8 -14.10 -3.65 5.84
CA TYR B 8 -14.55 -3.35 4.48
C TYR B 8 -15.59 -2.25 4.42
N PHE B 9 -15.58 -1.53 3.28
CA PHE B 9 -16.63 -0.62 2.89
C PHE B 9 -17.27 -1.20 1.62
N GLY B 10 -18.36 -1.94 1.78
CA GLY B 10 -18.85 -2.77 0.68
C GLY B 10 -17.74 -3.74 0.23
N GLU B 11 -17.41 -3.73 -1.07
CA GLU B 11 -16.38 -4.59 -1.65
C GLU B 11 -14.96 -4.11 -1.36
N PHE B 12 -14.80 -2.85 -0.95
CA PHE B 12 -13.48 -2.24 -0.94
C PHE B 12 -12.88 -2.24 0.47
N GLY B 13 -11.56 -2.35 0.53
CA GLY B 13 -10.82 -2.29 1.80
C GLY B 13 -10.11 -3.60 2.11
N GLY B 14 -10.29 -4.10 3.34
CA GLY B 14 -9.65 -5.36 3.74
C GLY B 14 -8.27 -5.16 4.36
N MET B 15 -7.56 -6.29 4.53
CA MET B 15 -6.26 -6.34 5.18
C MET B 15 -5.33 -7.25 4.37
N TYR B 16 -4.89 -6.72 3.22
CA TYR B 16 -4.11 -7.50 2.27
C TYR B 16 -2.62 -7.31 2.54
N VAL B 17 -2.20 -7.82 3.70
CA VAL B 17 -0.80 -7.78 4.11
C VAL B 17 -0.29 -9.20 4.34
N PRO B 18 1.04 -9.44 4.24
CA PRO B 18 1.59 -10.73 4.65
C PRO B 18 1.15 -11.07 6.07
N GLN B 19 1.02 -12.37 6.32
CA GLN B 19 0.53 -12.84 7.59
C GLN B 19 1.29 -12.19 8.75
N ILE B 20 2.59 -11.91 8.55
CA ILE B 20 3.43 -11.46 9.64
C ILE B 20 2.95 -10.12 10.20
N LEU B 21 2.25 -9.32 9.37
CA LEU B 21 1.85 -7.98 9.79
C LEU B 21 0.48 -8.01 10.46
N MET B 22 -0.21 -9.16 10.45
CA MET B 22 -1.58 -9.15 10.93
C MET B 22 -1.66 -8.85 12.43
N PRO B 23 -0.79 -9.39 13.30
CA PRO B 23 -0.83 -9.00 14.72
C PRO B 23 -0.66 -7.50 14.94
N ALA B 24 0.19 -6.86 14.13
CA ALA B 24 0.39 -5.42 14.23
C ALA B 24 -0.93 -4.68 13.95
N LEU B 25 -1.64 -5.11 12.91
CA LEU B 25 -2.89 -4.45 12.55
C LEU B 25 -3.93 -4.72 13.63
N ASN B 26 -4.00 -5.95 14.15
CA ASN B 26 -4.96 -6.29 15.18
C ASN B 26 -4.69 -5.50 16.45
N GLN B 27 -3.41 -5.37 16.82
CA GLN B 27 -3.00 -4.62 17.99
C GLN B 27 -3.47 -3.17 17.88
N LEU B 28 -3.22 -2.57 16.71
CA LEU B 28 -3.51 -1.17 16.46
C LEU B 28 -5.02 -0.95 16.53
N GLU B 29 -5.78 -1.86 15.92
CA GLU B 29 -7.22 -1.76 15.96
C GLU B 29 -7.71 -1.79 17.41
N GLU B 30 -7.14 -2.67 18.22
CA GLU B 30 -7.63 -2.80 19.59
C GLU B 30 -7.32 -1.53 20.37
N ALA B 31 -6.13 -0.97 20.12
CA ALA B 31 -5.69 0.21 20.84
C ALA B 31 -6.57 1.41 20.47
N PHE B 32 -6.93 1.47 19.18
CA PHE B 32 -7.81 2.52 18.69
C PHE B 32 -9.19 2.37 19.33
N VAL B 33 -9.77 1.17 19.31
CA VAL B 33 -11.10 1.01 19.87
C VAL B 33 -11.06 1.42 21.34
N SER B 34 -10.00 1.01 22.04
CA SER B 34 -9.85 1.36 23.45
C SER B 34 -9.78 2.87 23.62
N ALA B 35 -8.91 3.50 22.83
CA ALA B 35 -8.65 4.93 22.93
C ALA B 35 -9.92 5.74 22.69
N GLN B 36 -10.78 5.26 21.78
CA GLN B 36 -11.95 6.01 21.37
C GLN B 36 -12.96 6.04 22.52
N LYS B 37 -12.85 5.08 23.45
CA LYS B 37 -13.74 5.02 24.59
C LYS B 37 -13.13 5.68 25.82
N ASP B 38 -11.91 6.22 25.68
CA ASP B 38 -11.14 6.66 26.83
C ASP B 38 -11.16 8.19 26.92
N PRO B 39 -11.88 8.78 27.89
CA PRO B 39 -12.05 10.23 27.93
C PRO B 39 -10.69 10.91 28.13
N GLU B 40 -9.78 10.21 28.79
CA GLU B 40 -8.44 10.73 29.03
C GLU B 40 -7.67 10.87 27.72
N PHE B 41 -7.78 9.87 26.84
CA PHE B 41 -7.15 9.97 25.53
C PHE B 41 -7.76 11.13 24.75
N GLN B 42 -9.09 11.19 24.75
CA GLN B 42 -9.80 12.22 24.01
C GLN B 42 -9.39 13.62 24.47
N ALA B 43 -9.25 13.80 25.79
CA ALA B 43 -8.86 15.09 26.37
C ALA B 43 -7.46 15.48 25.90
N GLN B 44 -6.56 14.50 25.91
CA GLN B 44 -5.18 14.70 25.52
C GLN B 44 -5.13 15.13 24.05
N PHE B 45 -5.88 14.40 23.21
CA PHE B 45 -5.91 14.70 21.79
C PHE B 45 -6.48 16.11 21.55
N ALA B 46 -7.57 16.44 22.26
CA ALA B 46 -8.21 17.74 22.11
C ALA B 46 -7.24 18.86 22.50
N ASP B 47 -6.46 18.61 23.56
CA ASP B 47 -5.50 19.57 24.10
C ASP B 47 -4.46 19.89 23.01
N LEU B 48 -3.89 18.84 22.42
CA LEU B 48 -2.89 19.04 21.38
C LEU B 48 -3.51 19.76 20.19
N LEU B 49 -4.71 19.33 19.76
CA LEU B 49 -5.31 19.98 18.59
C LEU B 49 -5.50 21.47 18.82
N LYS B 50 -5.96 21.84 20.02
CA LYS B 50 -6.29 23.23 20.31
C LYS B 50 -5.01 24.04 20.54
N ASN B 51 -4.19 23.61 21.51
CA ASN B 51 -3.20 24.50 22.11
C ASN B 51 -1.86 24.38 21.38
N TYR B 52 -1.69 23.30 20.64
CA TYR B 52 -0.49 23.07 19.84
C TYR B 52 -0.75 23.34 18.36
N ALA B 53 -1.82 22.76 17.81
CA ALA B 53 -2.06 22.86 16.37
C ALA B 53 -2.86 24.10 15.98
N GLY B 54 -3.72 24.57 16.90
CA GLY B 54 -4.42 25.84 16.75
C GLY B 54 -5.91 25.71 16.43
N ARG B 55 -6.50 24.51 16.60
CA ARG B 55 -7.89 24.32 16.19
C ARG B 55 -8.76 25.09 17.17
N PRO B 56 -10.00 25.53 16.80
CA PRO B 56 -10.58 25.27 15.50
C PRO B 56 -9.99 26.18 14.43
N THR B 57 -10.00 25.69 13.18
CA THR B 57 -9.55 26.53 12.07
C THR B 57 -10.68 27.42 11.57
N ALA B 58 -10.30 28.58 11.01
CA ALA B 58 -11.27 29.50 10.46
C ALA B 58 -12.09 28.89 9.33
N LEU B 59 -13.30 29.42 9.15
CA LEU B 59 -14.06 29.23 7.93
C LEU B 59 -14.25 30.60 7.28
N THR B 60 -13.60 30.79 6.12
CA THR B 60 -13.49 32.10 5.50
C THR B 60 -14.47 32.21 4.35
N LYS B 61 -15.30 33.25 4.37
CA LYS B 61 -16.17 33.49 3.23
C LYS B 61 -15.40 34.27 2.17
N CYS B 62 -15.45 33.78 0.93
N CYS B 62 -15.26 33.72 0.96
CA CYS B 62 -14.70 34.37 -0.15
CA CYS B 62 -14.56 34.53 -0.02
C CYS B 62 -15.63 35.15 -1.07
C CYS B 62 -15.55 35.15 -1.00
N GLN B 63 -15.73 36.45 -0.84
CA GLN B 63 -16.68 37.27 -1.56
C GLN B 63 -16.16 37.69 -2.94
N ASN B 64 -14.88 38.04 -3.05
CA ASN B 64 -14.42 38.60 -4.32
C ASN B 64 -14.56 37.57 -5.44
N ILE B 65 -14.22 36.30 -5.19
CA ILE B 65 -14.13 35.36 -6.32
C ILE B 65 -15.50 34.89 -6.80
N THR B 66 -16.56 35.11 -6.00
CA THR B 66 -17.92 34.76 -6.42
C THR B 66 -18.77 35.98 -6.82
N ALA B 67 -18.17 37.17 -6.89
CA ALA B 67 -18.94 38.35 -7.27
C ALA B 67 -19.67 38.20 -8.60
N GLY B 68 -20.95 38.53 -8.60
CA GLY B 68 -21.72 38.56 -9.84
C GLY B 68 -22.33 37.20 -10.15
N THR B 69 -22.29 36.30 -9.16
CA THR B 69 -22.90 34.98 -9.27
C THR B 69 -23.73 34.71 -8.03
N ARG B 70 -24.49 33.63 -8.07
CA ARG B 70 -25.31 33.27 -6.93
C ARG B 70 -24.67 32.14 -6.14
N THR B 71 -23.33 31.98 -6.28
CA THR B 71 -22.58 31.08 -5.43
C THR B 71 -22.05 31.82 -4.20
N THR B 72 -22.27 31.23 -3.02
CA THR B 72 -21.57 31.67 -1.82
C THR B 72 -20.54 30.59 -1.49
N LEU B 73 -19.26 31.00 -1.39
CA LEU B 73 -18.18 30.04 -1.21
C LEU B 73 -17.41 30.30 0.08
N TYR B 74 -17.33 29.25 0.90
CA TYR B 74 -16.49 29.32 2.09
C TYR B 74 -15.31 28.37 1.92
N LEU B 75 -14.17 28.74 2.52
CA LEU B 75 -13.01 27.87 2.58
C LEU B 75 -12.74 27.45 4.02
N LYS B 76 -12.66 26.15 4.24
CA LYS B 76 -12.23 25.62 5.54
C LYS B 76 -10.71 25.69 5.61
N ARG B 77 -10.18 26.43 6.60
CA ARG B 77 -8.81 26.91 6.51
C ARG B 77 -7.83 25.95 7.19
N GLU B 78 -7.68 24.74 6.65
CA GLU B 78 -6.69 23.83 7.19
C GLU B 78 -5.26 24.30 6.86
N ASP B 79 -5.15 25.24 5.91
CA ASP B 79 -3.90 25.91 5.60
C ASP B 79 -3.34 26.65 6.82
N LEU B 80 -4.18 26.94 7.82
CA LEU B 80 -3.71 27.70 8.98
C LEU B 80 -3.29 26.78 10.14
N LEU B 81 -3.48 25.46 10.01
CA LEU B 81 -3.10 24.53 11.07
C LEU B 81 -1.58 24.54 11.18
N HIS B 82 -1.06 24.32 12.41
CA HIS B 82 0.37 24.17 12.57
C HIS B 82 0.90 23.14 11.59
N GLY B 83 1.97 23.48 10.85
CA GLY B 83 2.52 22.58 9.85
C GLY B 83 2.11 22.96 8.43
N GLY B 84 0.97 23.64 8.32
CA GLY B 84 0.54 24.21 7.06
C GLY B 84 -0.38 23.31 6.25
N ALA B 85 -0.81 22.17 6.84
CA ALA B 85 -1.80 21.32 6.18
C ALA B 85 -2.61 20.50 7.17
N HIS B 86 -3.70 19.90 6.68
CA HIS B 86 -4.60 19.09 7.50
C HIS B 86 -3.88 17.88 8.08
N LYS B 87 -2.76 17.47 7.48
CA LYS B 87 -2.08 16.24 7.86
C LYS B 87 -1.81 16.21 9.37
N THR B 88 -1.59 17.38 9.97
CA THR B 88 -1.21 17.51 11.37
C THR B 88 -2.27 16.91 12.29
N ASN B 89 -3.55 17.02 11.92
CA ASN B 89 -4.61 16.56 12.84
C ASN B 89 -4.39 15.10 13.25
N GLN B 90 -4.32 14.22 12.25
CA GLN B 90 -4.38 12.79 12.52
C GLN B 90 -3.03 12.27 13.02
N VAL B 91 -1.92 12.98 12.70
CA VAL B 91 -0.63 12.55 13.23
C VAL B 91 -0.63 12.73 14.74
N LEU B 92 -1.30 13.78 15.24
CA LEU B 92 -1.32 13.93 16.68
C LEU B 92 -2.04 12.75 17.35
N GLY B 93 -3.15 12.30 16.75
CA GLY B 93 -3.87 11.18 17.32
C GLY B 93 -3.08 9.88 17.18
N GLN B 94 -2.48 9.66 15.99
CA GLN B 94 -1.70 8.45 15.80
C GLN B 94 -0.48 8.41 16.74
N ALA B 95 0.13 9.58 17.02
CA ALA B 95 1.29 9.65 17.88
C ALA B 95 0.90 9.25 19.30
N LEU B 96 -0.29 9.70 19.72
CA LEU B 96 -0.79 9.30 21.03
C LEU B 96 -1.12 7.81 21.05
N LEU B 97 -1.62 7.27 19.93
CA LEU B 97 -1.91 5.83 19.88
C LEU B 97 -0.62 5.03 20.05
N ALA B 98 0.44 5.49 19.38
CA ALA B 98 1.71 4.79 19.43
C ALA B 98 2.17 4.77 20.89
N LYS B 99 2.04 5.90 21.58
CA LYS B 99 2.46 5.97 22.97
C LYS B 99 1.64 5.03 23.83
N ARG B 100 0.32 4.96 23.56
CA ARG B 100 -0.61 4.15 24.32
C ARG B 100 -0.23 2.68 24.17
N MET B 101 0.39 2.35 23.04
CA MET B 101 0.76 0.99 22.70
C MET B 101 2.14 0.68 23.25
N GLY B 102 2.78 1.72 23.81
CA GLY B 102 4.13 1.61 24.35
C GLY B 102 5.22 1.60 23.28
N LYS B 103 4.92 2.13 22.08
CA LYS B 103 5.92 2.17 21.03
C LYS B 103 6.77 3.44 21.20
N SER B 104 8.05 3.38 20.81
CA SER B 104 8.92 4.53 20.99
C SER B 104 9.45 5.09 19.67
N GLU B 105 9.08 4.46 18.54
CA GLU B 105 9.57 4.89 17.24
C GLU B 105 8.40 5.04 16.27
N ILE B 106 8.60 5.92 15.27
CA ILE B 106 7.59 6.21 14.26
C ILE B 106 8.20 5.99 12.90
N ILE B 107 7.46 5.29 12.03
CA ILE B 107 7.73 5.18 10.61
C ILE B 107 6.63 5.95 9.87
N ALA B 108 6.99 6.68 8.82
CA ALA B 108 5.98 7.38 8.04
C ALA B 108 6.48 7.52 6.61
N GLU B 109 5.54 7.40 5.65
CA GLU B 109 5.84 7.62 4.26
C GLU B 109 5.48 9.07 3.96
N THR B 110 6.15 9.65 2.97
CA THR B 110 5.71 10.92 2.44
C THR B 110 6.24 11.02 1.02
N GLY B 111 5.54 11.81 0.21
CA GLY B 111 6.02 12.15 -1.11
C GLY B 111 6.36 13.64 -1.18
N ALA B 112 5.30 14.44 -1.31
CA ALA B 112 5.37 15.90 -1.24
C ALA B 112 6.16 16.33 0.00
N GLY B 113 5.80 15.77 1.17
CA GLY B 113 6.57 16.07 2.37
C GLY B 113 5.73 16.55 3.55
N ALA B 114 4.50 16.99 3.29
CA ALA B 114 3.69 17.56 4.36
C ALA B 114 3.41 16.55 5.47
N HIS B 115 3.02 15.33 5.08
CA HIS B 115 2.85 14.30 6.10
C HIS B 115 4.16 14.01 6.82
N GLY B 116 5.28 13.99 6.09
CA GLY B 116 6.55 13.72 6.75
C GLY B 116 6.87 14.75 7.81
N VAL B 117 6.61 16.02 7.46
CA VAL B 117 6.88 17.14 8.35
C VAL B 117 5.94 17.04 9.56
N ALA B 118 4.67 16.69 9.32
CA ALA B 118 3.70 16.55 10.39
C ALA B 118 4.13 15.40 11.32
N SER B 119 4.58 14.30 10.71
CA SER B 119 5.05 13.14 11.48
C SER B 119 6.27 13.55 12.29
N ALA B 120 7.21 14.27 11.68
CA ALA B 120 8.40 14.71 12.41
C ALA B 120 8.05 15.67 13.55
N LEU B 121 7.14 16.63 13.33
CA LEU B 121 6.89 17.59 14.38
C LEU B 121 6.18 16.92 15.56
N ALA B 122 5.25 16.00 15.25
CA ALA B 122 4.53 15.28 16.29
C ALA B 122 5.51 14.42 17.08
N SER B 123 6.52 13.87 16.38
CA SER B 123 7.49 13.00 17.03
C SER B 123 8.40 13.82 17.93
N ALA B 124 8.79 15.01 17.46
CA ALA B 124 9.61 15.91 18.25
C ALA B 124 8.90 16.27 19.55
N LEU B 125 7.61 16.61 19.44
CA LEU B 125 6.86 17.08 20.59
C LEU B 125 6.70 15.94 21.60
N LEU B 126 6.45 14.73 21.09
CA LEU B 126 5.93 13.68 21.95
C LEU B 126 7.00 12.66 22.32
N GLY B 127 8.24 12.88 21.85
CA GLY B 127 9.41 12.12 22.27
C GLY B 127 9.48 10.73 21.62
N LEU B 128 9.04 10.66 20.36
CA LEU B 128 9.18 9.45 19.57
C LEU B 128 10.32 9.63 18.57
N LYS B 129 11.05 8.54 18.32
CA LYS B 129 12.06 8.57 17.28
C LYS B 129 11.44 8.26 15.93
N CYS B 130 11.55 9.22 15.00
CA CYS B 130 10.83 9.22 13.74
C CYS B 130 11.78 8.96 12.57
N ARG B 131 11.45 7.95 11.74
CA ARG B 131 12.06 7.79 10.44
C ARG B 131 11.02 7.90 9.34
N ILE B 132 11.39 8.61 8.28
CA ILE B 132 10.50 8.92 7.17
C ILE B 132 11.04 8.20 5.95
N TYR B 133 10.21 7.35 5.33
CA TYR B 133 10.64 6.79 4.05
C TYR B 133 10.07 7.66 2.93
N MET B 134 10.92 7.98 1.95
CA MET B 134 10.55 8.89 0.89
C MET B 134 11.27 8.42 -0.38
N GLY B 135 10.51 8.11 -1.43
CA GLY B 135 11.14 7.74 -2.69
C GLY B 135 12.28 8.70 -3.02
N ALA B 136 13.41 8.15 -3.46
CA ALA B 136 14.57 8.97 -3.78
C ALA B 136 14.16 10.11 -4.70
N LYS B 137 13.23 9.84 -5.62
N LYS B 137 13.21 9.85 -5.61
CA LYS B 137 12.80 10.85 -6.57
CA LYS B 137 12.81 10.85 -6.59
C LYS B 137 12.23 12.05 -5.84
C LYS B 137 12.15 12.03 -5.89
N ASP B 138 11.53 11.79 -4.72
CA ASP B 138 10.89 12.83 -3.96
C ASP B 138 11.91 13.61 -3.13
N VAL B 139 12.85 12.86 -2.53
CA VAL B 139 13.91 13.45 -1.72
C VAL B 139 14.57 14.53 -2.57
N GLU B 140 14.83 14.20 -3.83
CA GLU B 140 15.54 15.05 -4.78
C GLU B 140 14.79 16.36 -4.99
N ARG B 141 13.46 16.29 -4.93
CA ARG B 141 12.61 17.39 -5.36
C ARG B 141 12.03 18.12 -4.17
N GLN B 142 12.26 17.58 -2.96
CA GLN B 142 11.65 18.19 -1.78
C GLN B 142 12.71 18.48 -0.73
N SER B 143 13.84 19.06 -1.18
CA SER B 143 14.93 19.44 -0.30
C SER B 143 14.42 20.23 0.90
N PRO B 144 13.56 21.26 0.68
CA PRO B 144 13.00 22.03 1.79
C PRO B 144 12.38 21.15 2.88
N ASN B 145 11.43 20.30 2.48
CA ASN B 145 10.68 19.53 3.45
C ASN B 145 11.61 18.53 4.14
N VAL B 146 12.55 17.98 3.36
CA VAL B 146 13.58 17.08 3.85
C VAL B 146 14.34 17.73 5.00
N PHE B 147 14.63 19.03 4.85
CA PHE B 147 15.45 19.74 5.82
C PHE B 147 14.63 20.07 7.07
N ARG B 148 13.37 20.45 6.87
CA ARG B 148 12.46 20.67 7.99
C ARG B 148 12.37 19.43 8.85
N MET B 149 12.12 18.27 8.21
CA MET B 149 12.08 17.01 8.92
C MET B 149 13.35 16.78 9.72
N ARG B 150 14.52 17.00 9.09
CA ARG B 150 15.79 16.74 9.76
C ARG B 150 16.03 17.73 10.90
N LEU B 151 15.62 18.99 10.71
CA LEU B 151 15.73 20.00 11.75
C LEU B 151 14.96 19.53 12.97
N MET B 152 13.85 18.83 12.71
CA MET B 152 12.97 18.39 13.76
C MET B 152 13.41 17.02 14.28
N GLY B 153 14.57 16.55 13.82
CA GLY B 153 15.25 15.39 14.42
C GLY B 153 14.86 14.06 13.76
N ALA B 154 14.10 14.14 12.66
CA ALA B 154 13.66 12.94 11.96
C ALA B 154 14.79 12.42 11.07
N GLU B 155 14.83 11.09 10.91
CA GLU B 155 15.71 10.47 9.94
C GLU B 155 14.92 10.31 8.67
N VAL B 156 15.44 10.87 7.57
CA VAL B 156 14.80 10.66 6.28
C VAL B 156 15.56 9.54 5.57
N ILE B 157 14.83 8.46 5.23
CA ILE B 157 15.44 7.33 4.54
C ILE B 157 14.98 7.33 3.09
N PRO B 158 15.90 7.52 2.11
CA PRO B 158 15.57 7.43 0.69
C PRO B 158 15.29 6.01 0.19
N VAL B 159 14.30 5.91 -0.70
CA VAL B 159 13.86 4.62 -1.20
C VAL B 159 14.13 4.56 -2.70
N HIS B 160 14.97 3.59 -3.11
CA HIS B 160 15.40 3.44 -4.49
C HIS B 160 14.69 2.27 -5.17
N SER B 161 13.96 1.48 -4.38
CA SER B 161 13.25 0.32 -4.91
C SER B 161 12.06 0.75 -5.77
N GLY B 162 11.61 -0.15 -6.63
CA GLY B 162 10.49 0.08 -7.52
C GLY B 162 10.73 1.29 -8.42
N SER B 163 9.82 2.26 -8.38
N SER B 163 9.82 2.27 -8.35
CA SER B 163 9.97 3.49 -9.16
CA SER B 163 9.94 3.49 -9.14
C SER B 163 10.50 4.61 -8.27
C SER B 163 10.55 4.60 -8.29
N ALA B 164 10.92 4.25 -7.06
CA ALA B 164 11.56 5.21 -6.15
C ALA B 164 10.63 6.39 -5.91
N THR B 165 9.34 6.10 -5.65
CA THR B 165 8.43 7.18 -5.32
C THR B 165 7.50 6.81 -4.17
N LEU B 166 6.39 7.56 -4.11
CA LEU B 166 5.46 7.45 -2.97
C LEU B 166 5.01 6.01 -2.78
N LYS B 167 4.54 5.36 -3.86
CA LYS B 167 4.08 3.99 -3.76
C LYS B 167 5.17 3.12 -3.13
N ASP B 168 6.41 3.22 -3.63
CA ASP B 168 7.54 2.40 -3.17
C ASP B 168 7.90 2.80 -1.75
N ALA B 169 7.87 4.11 -1.49
CA ALA B 169 7.95 4.65 -0.15
C ALA B 169 6.91 3.97 0.76
N CYS B 170 5.66 3.92 0.30
CA CYS B 170 4.59 3.22 0.98
C CYS B 170 4.97 1.76 1.23
N ASN B 171 5.53 1.11 0.20
CA ASN B 171 5.95 -0.28 0.31
C ASN B 171 7.02 -0.44 1.38
N GLU B 172 8.03 0.45 1.35
CA GLU B 172 9.17 0.42 2.24
C GLU B 172 8.72 0.53 3.69
N ALA B 173 7.79 1.46 3.95
CA ALA B 173 7.30 1.68 5.30
C ALA B 173 6.66 0.40 5.82
N LEU B 174 5.87 -0.26 4.96
CA LEU B 174 5.24 -1.51 5.36
C LEU B 174 6.27 -2.60 5.64
N ARG B 175 7.28 -2.71 4.78
CA ARG B 175 8.32 -3.71 4.99
C ARG B 175 8.98 -3.55 6.36
N ASP B 176 9.35 -2.30 6.69
CA ASP B 176 10.05 -2.01 7.92
C ASP B 176 9.18 -2.43 9.10
N TRP B 177 7.91 -2.01 9.04
CA TRP B 177 6.97 -2.19 10.13
C TRP B 177 6.79 -3.68 10.46
N SER B 178 6.80 -4.54 9.43
CA SER B 178 6.58 -5.96 9.67
C SER B 178 7.61 -6.52 10.65
N GLY B 179 8.83 -5.98 10.59
CA GLY B 179 9.93 -6.51 11.38
C GLY B 179 10.16 -5.75 12.69
N SER B 180 9.55 -4.56 12.80
CA SER B 180 9.88 -3.66 13.88
C SER B 180 8.65 -3.28 14.71
N TYR B 181 7.49 -3.82 14.34
CA TYR B 181 6.23 -3.34 14.89
C TYR B 181 6.19 -3.56 16.41
N GLU B 182 7.09 -4.36 16.99
CA GLU B 182 7.03 -4.39 18.44
C GLU B 182 7.52 -3.08 19.01
N THR B 183 8.43 -2.40 18.29
CA THR B 183 8.96 -1.16 18.81
C THR B 183 8.40 0.06 18.08
N ALA B 184 8.07 -0.09 16.79
CA ALA B 184 7.72 1.04 15.93
C ALA B 184 6.25 1.03 15.54
N HIS B 185 5.66 2.23 15.48
CA HIS B 185 4.33 2.38 14.89
C HIS B 185 4.45 2.96 13.48
N TYR B 186 3.67 2.42 12.54
CA TYR B 186 3.62 2.96 11.19
C TYR B 186 2.56 4.05 11.12
N MET B 187 3.00 5.32 10.98
N MET B 187 3.01 5.31 11.08
CA MET B 187 2.08 6.44 10.97
CA MET B 187 2.07 6.41 10.96
C MET B 187 1.65 6.74 9.53
C MET B 187 1.78 6.62 9.47
N LEU B 188 0.73 5.92 8.98
CA LEU B 188 0.28 6.04 7.61
C LEU B 188 -0.40 7.41 7.43
N GLY B 189 -0.14 8.06 6.29
CA GLY B 189 -0.49 9.48 6.17
C GLY B 189 -1.74 9.75 5.33
N THR B 190 -2.53 8.70 5.01
CA THR B 190 -3.80 8.96 4.32
C THR B 190 -4.86 7.95 4.75
N ALA B 191 -6.10 8.12 4.27
CA ALA B 191 -7.20 7.23 4.63
C ALA B 191 -7.26 6.05 3.68
N ALA B 192 -6.15 5.30 3.62
CA ALA B 192 -6.03 4.15 2.74
C ALA B 192 -5.11 3.15 3.43
N GLY B 193 -4.69 2.14 2.67
CA GLY B 193 -3.91 1.04 3.22
C GLY B 193 -4.82 0.03 3.92
N PRO B 194 -4.25 -0.93 4.69
CA PRO B 194 -5.04 -2.01 5.28
C PRO B 194 -5.82 -1.49 6.48
N HIS B 195 -6.98 -2.10 6.75
CA HIS B 195 -7.68 -1.81 8.00
C HIS B 195 -6.70 -2.07 9.14
N PRO B 196 -6.69 -1.27 10.22
CA PRO B 196 -7.71 -0.24 10.45
C PRO B 196 -7.41 1.19 10.00
N TYR B 197 -6.42 1.39 9.10
CA TYR B 197 -6.00 2.75 8.81
C TYR B 197 -7.09 3.61 8.18
N PRO B 198 -7.90 3.16 7.19
CA PRO B 198 -8.90 4.03 6.60
C PRO B 198 -9.89 4.54 7.65
N THR B 199 -10.19 3.68 8.64
CA THR B 199 -11.11 4.04 9.72
C THR B 199 -10.44 5.02 10.69
N ILE B 200 -9.23 4.71 11.14
CA ILE B 200 -8.54 5.55 12.12
C ILE B 200 -8.35 6.96 11.56
N VAL B 201 -7.84 7.03 10.33
CA VAL B 201 -7.51 8.32 9.74
C VAL B 201 -8.77 9.18 9.58
N ARG B 202 -9.87 8.56 9.16
CA ARG B 202 -11.14 9.28 9.09
C ARG B 202 -11.49 9.84 10.46
N GLU B 203 -11.49 8.99 11.49
CA GLU B 203 -11.95 9.46 12.79
C GLU B 203 -11.04 10.54 13.38
N PHE B 204 -9.76 10.49 13.03
CA PHE B 204 -8.80 11.48 13.53
C PHE B 204 -8.72 12.69 12.61
N GLN B 205 -9.52 12.72 11.53
CA GLN B 205 -9.66 13.90 10.69
C GLN B 205 -11.10 14.44 10.75
N ARG B 206 -12.01 13.80 11.49
CA ARG B 206 -13.42 14.16 11.31
C ARG B 206 -13.78 15.53 11.89
N MET B 207 -12.87 16.12 12.69
CA MET B 207 -13.16 17.42 13.27
C MET B 207 -13.26 18.49 12.18
N ILE B 208 -12.61 18.26 11.02
CA ILE B 208 -12.72 19.17 9.89
C ILE B 208 -14.18 19.44 9.55
N GLY B 209 -14.92 18.35 9.28
CA GLY B 209 -16.31 18.42 8.89
C GLY B 209 -17.20 18.83 10.06
N GLU B 210 -16.86 18.38 11.28
CA GLU B 210 -17.66 18.75 12.43
C GLU B 210 -17.65 20.25 12.65
N GLU B 211 -16.44 20.83 12.61
CA GLU B 211 -16.28 22.28 12.75
C GLU B 211 -16.98 22.99 11.60
N THR B 212 -16.75 22.55 10.36
CA THR B 212 -17.41 23.13 9.20
C THR B 212 -18.93 23.20 9.41
N LYS B 213 -19.52 22.08 9.84
CA LYS B 213 -20.96 22.06 10.03
C LYS B 213 -21.39 23.15 11.02
N ALA B 214 -20.69 23.22 12.18
CA ALA B 214 -21.08 24.15 13.23
C ALA B 214 -20.91 25.59 12.75
N GLN B 215 -19.84 25.82 11.97
CA GLN B 215 -19.49 27.14 11.48
C GLN B 215 -20.51 27.59 10.43
N ILE B 216 -20.93 26.67 9.55
N ILE B 216 -20.87 26.70 9.50
CA ILE B 216 -21.87 27.07 8.51
CA ILE B 216 -21.79 27.07 8.43
C ILE B 216 -23.28 27.24 9.11
C ILE B 216 -23.15 27.39 9.04
N LEU B 217 -23.62 26.46 10.13
N LEU B 217 -23.56 26.56 10.01
CA LEU B 217 -24.91 26.72 10.78
CA LEU B 217 -24.83 26.72 10.71
C LEU B 217 -24.93 28.09 11.45
C LEU B 217 -24.89 28.09 11.38
N ASP B 218 -23.81 28.43 12.09
CA ASP B 218 -23.70 29.72 12.76
C ASP B 218 -23.83 30.88 11.78
N LYS B 219 -23.16 30.78 10.62
N LYS B 219 -23.15 30.79 10.63
CA LYS B 219 -23.04 31.90 9.72
CA LYS B 219 -23.03 31.91 9.72
C LYS B 219 -24.21 31.98 8.73
C LYS B 219 -24.19 31.97 8.72
N GLU B 220 -24.78 30.81 8.37
CA GLU B 220 -25.74 30.73 7.28
C GLU B 220 -27.09 30.16 7.72
N GLY B 221 -27.12 29.47 8.85
CA GLY B 221 -28.39 29.01 9.39
C GLY B 221 -28.90 27.75 8.70
N ARG B 222 -28.02 27.07 7.96
CA ARG B 222 -28.39 25.88 7.21
C ARG B 222 -27.12 25.12 6.84
N LEU B 223 -27.30 23.89 6.34
CA LEU B 223 -26.15 23.11 5.91
C LEU B 223 -25.72 23.57 4.53
N PRO B 224 -24.48 23.26 4.11
CA PRO B 224 -24.07 23.57 2.74
C PRO B 224 -24.77 22.71 1.69
N ASP B 225 -24.88 23.24 0.46
CA ASP B 225 -25.36 22.42 -0.65
C ASP B 225 -24.31 21.38 -1.02
N ALA B 226 -23.02 21.71 -0.87
CA ALA B 226 -21.98 20.76 -1.22
C ALA B 226 -20.70 21.09 -0.49
N VAL B 227 -19.93 20.05 -0.16
CA VAL B 227 -18.58 20.23 0.36
C VAL B 227 -17.62 19.52 -0.60
N ILE B 228 -16.49 20.16 -0.90
CA ILE B 228 -15.65 19.78 -2.02
C ILE B 228 -14.22 19.65 -1.52
N ALA B 229 -13.58 18.51 -1.81
CA ALA B 229 -12.21 18.31 -1.32
C ALA B 229 -11.38 17.54 -2.36
N CYS B 230 -10.08 17.84 -2.42
CA CYS B 230 -9.20 17.06 -3.29
C CYS B 230 -8.95 15.66 -2.70
N VAL B 231 -8.54 14.74 -3.57
CA VAL B 231 -8.32 13.34 -3.18
C VAL B 231 -6.95 12.90 -3.67
N GLY B 232 -6.01 12.74 -2.73
CA GLY B 232 -4.72 12.14 -2.98
C GLY B 232 -4.75 10.65 -2.65
N GLY B 233 -4.91 10.35 -1.35
CA GLY B 233 -5.27 9.02 -0.89
C GLY B 233 -6.62 9.06 -0.20
N GLY B 234 -7.05 10.25 0.25
CA GLY B 234 -8.42 10.36 0.73
C GLY B 234 -8.63 10.96 2.13
N SER B 235 -7.56 11.40 2.83
CA SER B 235 -7.75 11.80 4.22
C SER B 235 -8.47 13.15 4.40
N ASN B 236 -8.03 14.21 3.70
CA ASN B 236 -8.66 15.51 3.90
C ASN B 236 -10.12 15.44 3.47
N ALA B 237 -10.39 14.73 2.36
CA ALA B 237 -11.76 14.63 1.85
C ALA B 237 -12.66 13.90 2.85
N ILE B 238 -12.19 12.73 3.34
CA ILE B 238 -13.05 11.99 4.25
C ILE B 238 -13.19 12.74 5.56
N GLY B 239 -12.14 13.48 5.96
CA GLY B 239 -12.26 14.31 7.17
C GLY B 239 -13.35 15.36 7.04
N MET B 240 -13.44 15.97 5.84
CA MET B 240 -14.52 16.93 5.58
C MET B 240 -15.88 16.23 5.45
N PHE B 241 -15.95 15.08 4.77
CA PHE B 241 -17.21 14.41 4.45
C PHE B 241 -17.88 13.77 5.67
N ALA B 242 -17.11 13.19 6.60
CA ALA B 242 -17.64 12.20 7.53
C ALA B 242 -18.90 12.69 8.25
N ASP B 243 -18.83 13.89 8.83
CA ASP B 243 -19.92 14.37 9.67
C ASP B 243 -21.14 14.77 8.83
N PHE B 244 -20.97 14.82 7.50
CA PHE B 244 -22.09 15.12 6.61
C PHE B 244 -22.69 13.88 5.95
N ILE B 245 -22.12 12.69 6.15
CA ILE B 245 -22.59 11.55 5.37
C ILE B 245 -24.09 11.36 5.56
N ASN B 246 -24.57 11.48 6.81
CA ASN B 246 -25.96 11.20 7.11
C ASN B 246 -26.90 12.37 6.80
N ASP B 247 -26.33 13.51 6.40
CA ASP B 247 -27.10 14.67 5.95
C ASP B 247 -27.29 14.54 4.44
N THR B 248 -28.38 13.89 4.04
CA THR B 248 -28.46 13.42 2.66
C THR B 248 -28.57 14.59 1.67
N SER B 249 -28.99 15.77 2.12
CA SER B 249 -29.07 16.92 1.21
C SER B 249 -27.69 17.47 0.83
N VAL B 250 -26.65 17.15 1.60
CA VAL B 250 -25.35 17.77 1.41
C VAL B 250 -24.57 16.94 0.39
N GLY B 251 -24.20 17.57 -0.72
CA GLY B 251 -23.35 16.92 -1.70
C GLY B 251 -21.92 16.73 -1.19
N LEU B 252 -21.33 15.59 -1.54
CA LEU B 252 -19.96 15.29 -1.13
C LEU B 252 -19.19 15.10 -2.42
N ILE B 253 -18.28 16.04 -2.73
CA ILE B 253 -17.61 16.03 -4.02
C ILE B 253 -16.11 15.88 -3.81
N GLY B 254 -15.55 14.78 -4.34
CA GLY B 254 -14.13 14.55 -4.29
C GLY B 254 -13.49 14.84 -5.64
N VAL B 255 -12.31 15.46 -5.63
CA VAL B 255 -11.65 15.91 -6.85
C VAL B 255 -10.31 15.19 -7.03
N GLU B 256 -10.22 14.32 -8.03
CA GLU B 256 -8.98 13.61 -8.31
C GLU B 256 -8.18 14.46 -9.28
N PRO B 257 -6.83 14.33 -9.34
CA PRO B 257 -6.02 15.05 -10.31
C PRO B 257 -6.17 14.48 -11.72
N GLY B 258 -6.51 15.38 -12.66
CA GLY B 258 -6.63 15.03 -14.06
C GLY B 258 -5.30 15.12 -14.80
N GLY B 259 -4.27 15.66 -14.14
CA GLY B 259 -2.95 15.68 -14.78
C GLY B 259 -2.94 16.47 -16.10
N HIS B 260 -2.34 15.88 -17.14
CA HIS B 260 -2.33 16.51 -18.44
C HIS B 260 -3.64 16.26 -19.18
N GLY B 261 -4.58 15.58 -18.52
CA GLY B 261 -5.86 15.25 -19.13
C GLY B 261 -6.11 13.75 -19.04
N ILE B 262 -7.33 13.37 -18.69
CA ILE B 262 -7.60 11.95 -18.50
C ILE B 262 -7.21 11.17 -19.76
N GLU B 263 -7.52 11.73 -20.94
CA GLU B 263 -7.32 11.02 -22.18
C GLU B 263 -5.84 10.77 -22.48
N THR B 264 -4.93 11.48 -21.79
CA THR B 264 -3.50 11.30 -22.00
C THR B 264 -2.99 10.09 -21.23
N GLY B 265 -3.76 9.64 -20.24
CA GLY B 265 -3.32 8.60 -19.33
C GLY B 265 -2.37 9.09 -18.24
N GLU B 266 -2.00 10.37 -18.32
N GLU B 266 -2.05 10.39 -18.28
CA GLU B 266 -1.13 10.96 -17.33
CA GLU B 266 -1.13 10.96 -17.33
C GLU B 266 -1.96 11.75 -16.34
C GLU B 266 -1.91 11.77 -16.31
N HIS B 267 -2.43 11.06 -15.30
CA HIS B 267 -3.33 11.63 -14.30
C HIS B 267 -3.17 10.80 -13.04
N GLY B 268 -3.99 11.12 -12.04
CA GLY B 268 -4.01 10.33 -10.82
C GLY B 268 -5.45 10.13 -10.39
N ALA B 269 -6.30 9.62 -11.31
CA ALA B 269 -7.73 9.55 -11.04
C ALA B 269 -8.22 8.11 -11.14
N PRO B 270 -7.75 7.19 -10.25
CA PRO B 270 -8.13 5.79 -10.29
C PRO B 270 -9.59 5.52 -9.96
N LEU B 271 -10.18 6.35 -9.10
CA LEU B 271 -11.53 6.05 -8.66
C LEU B 271 -12.47 6.01 -9.87
N LYS B 272 -12.31 6.99 -10.77
CA LYS B 272 -13.19 7.12 -11.92
C LYS B 272 -12.56 6.57 -13.20
N HIS B 273 -11.23 6.46 -13.26
CA HIS B 273 -10.61 6.03 -14.51
C HIS B 273 -9.66 4.85 -14.34
N GLY B 274 -9.63 4.24 -13.16
CA GLY B 274 -8.81 3.05 -13.00
C GLY B 274 -9.68 1.79 -12.94
N ARG B 275 -9.17 0.76 -12.29
CA ARG B 275 -10.02 -0.39 -12.01
C ARG B 275 -9.55 -1.05 -10.72
N VAL B 276 -10.47 -1.78 -10.10
N VAL B 276 -10.47 -1.81 -10.11
CA VAL B 276 -10.21 -2.37 -8.81
CA VAL B 276 -10.21 -2.44 -8.84
C VAL B 276 -9.04 -3.36 -8.89
C VAL B 276 -8.99 -3.35 -8.93
N GLY B 277 -8.13 -3.24 -7.91
CA GLY B 277 -7.03 -4.16 -7.74
C GLY B 277 -6.73 -4.35 -6.24
N ILE B 278 -5.64 -5.06 -5.96
CA ILE B 278 -5.20 -5.24 -4.59
C ILE B 278 -3.75 -4.77 -4.51
N TYR B 279 -3.53 -3.75 -3.68
CA TYR B 279 -2.20 -3.18 -3.50
C TYR B 279 -2.21 -2.34 -2.24
N PHE B 280 -1.04 -2.23 -1.59
CA PHE B 280 -0.89 -1.42 -0.38
C PHE B 280 -1.87 -1.90 0.67
N GLY B 281 -2.10 -3.23 0.73
CA GLY B 281 -2.90 -3.78 1.81
C GLY B 281 -4.40 -3.58 1.65
N MET B 282 -4.86 -3.10 0.48
CA MET B 282 -6.30 -2.84 0.31
C MET B 282 -6.78 -3.23 -1.09
N LYS B 283 -8.07 -3.60 -1.16
CA LYS B 283 -8.81 -3.75 -2.40
C LYS B 283 -9.47 -2.42 -2.73
N ALA B 284 -9.00 -1.80 -3.81
CA ALA B 284 -9.42 -0.43 -4.12
C ALA B 284 -9.17 -0.18 -5.61
N PRO B 285 -9.78 0.87 -6.21
CA PRO B 285 -9.42 1.27 -7.57
C PRO B 285 -7.94 1.63 -7.66
N MET B 286 -7.32 1.17 -8.74
N MET B 286 -7.30 1.20 -8.73
CA MET B 286 -5.90 1.34 -8.99
CA MET B 286 -5.94 1.69 -8.89
C MET B 286 -5.73 1.85 -10.43
C MET B 286 -5.65 1.77 -10.38
N MET B 287 -4.65 2.58 -10.68
CA MET B 287 -4.17 2.70 -12.04
C MET B 287 -3.22 1.54 -12.25
N GLN B 288 -3.56 0.68 -13.21
CA GLN B 288 -2.80 -0.54 -13.43
C GLN B 288 -2.73 -0.84 -14.92
N THR B 289 -1.68 -1.58 -15.29
CA THR B 289 -1.51 -2.01 -16.67
C THR B 289 -2.50 -3.14 -16.92
N ALA B 290 -2.68 -3.48 -18.20
CA ALA B 290 -3.63 -4.51 -18.60
C ALA B 290 -3.28 -5.81 -17.89
N ASP B 291 -1.97 -5.99 -17.62
CA ASP B 291 -1.38 -7.19 -17.04
C ASP B 291 -1.52 -7.21 -15.52
N GLY B 292 -1.83 -6.06 -14.91
CA GLY B 292 -2.03 -6.00 -13.47
C GLY B 292 -0.81 -5.47 -12.72
N GLN B 293 0.14 -4.83 -13.42
CA GLN B 293 1.21 -4.09 -12.75
C GLN B 293 0.68 -2.72 -12.33
N ILE B 294 1.13 -2.22 -11.18
CA ILE B 294 0.68 -0.90 -10.72
C ILE B 294 1.36 0.18 -11.56
N GLU B 295 0.55 1.10 -12.10
N GLU B 295 0.56 1.10 -12.09
CA GLU B 295 1.05 2.16 -12.96
CA GLU B 295 1.03 2.16 -12.98
C GLU B 295 1.60 3.31 -12.12
C GLU B 295 1.53 3.34 -12.16
N GLU B 296 2.42 4.14 -12.77
CA GLU B 296 2.84 5.40 -12.20
C GLU B 296 1.73 6.40 -12.47
N SER B 297 1.32 7.14 -11.44
CA SER B 297 0.36 8.23 -11.64
C SER B 297 1.09 9.51 -12.06
N TYR B 298 0.33 10.58 -12.32
CA TYR B 298 0.94 11.88 -12.59
C TYR B 298 0.01 12.99 -12.12
N SER B 299 0.60 14.01 -11.48
CA SER B 299 -0.10 15.27 -11.23
C SER B 299 0.95 16.35 -11.05
N ILE B 300 0.62 17.58 -11.46
CA ILE B 300 1.50 18.71 -11.14
C ILE B 300 1.68 18.80 -9.64
N SER B 301 0.66 18.38 -8.89
N SER B 301 0.67 18.32 -8.90
CA SER B 301 0.66 18.40 -7.43
CA SER B 301 0.61 18.30 -7.44
C SER B 301 1.15 17.08 -6.84
C SER B 301 1.20 17.01 -6.91
N ALA B 302 2.35 17.11 -6.24
CA ALA B 302 2.98 15.94 -5.67
C ALA B 302 2.06 15.23 -4.68
N GLY B 303 1.29 16.03 -3.91
CA GLY B 303 0.42 15.46 -2.90
C GLY B 303 -0.73 14.63 -3.47
N LEU B 304 -1.07 14.85 -4.75
CA LEU B 304 -2.15 14.07 -5.32
C LEU B 304 -1.65 12.91 -6.19
N ASP B 305 -0.33 12.80 -6.34
CA ASP B 305 0.29 11.93 -7.32
C ASP B 305 0.42 10.52 -6.71
N PHE B 306 -0.70 9.81 -6.64
CA PHE B 306 -0.78 8.47 -6.07
C PHE B 306 -1.75 7.67 -6.95
N PRO B 307 -1.37 6.45 -7.39
CA PRO B 307 -2.21 5.69 -8.31
C PRO B 307 -3.34 4.88 -7.68
N SER B 308 -3.70 5.17 -6.43
CA SER B 308 -4.87 4.55 -5.82
C SER B 308 -5.68 5.55 -4.99
N VAL B 309 -6.60 5.04 -4.15
CA VAL B 309 -7.51 5.88 -3.40
C VAL B 309 -8.08 5.05 -2.24
N GLY B 310 -8.40 5.70 -1.13
CA GLY B 310 -8.89 4.97 0.03
C GLY B 310 -10.23 4.28 -0.24
N PRO B 311 -10.51 3.15 0.44
CA PRO B 311 -11.65 2.31 0.08
C PRO B 311 -13.00 2.94 0.43
N GLN B 312 -13.03 3.81 1.44
CA GLN B 312 -14.31 4.43 1.79
C GLN B 312 -14.81 5.32 0.66
N HIS B 313 -13.89 6.01 -0.01
CA HIS B 313 -14.28 6.82 -1.16
C HIS B 313 -14.83 5.93 -2.27
N ALA B 314 -14.13 4.84 -2.59
CA ALA B 314 -14.63 3.95 -3.63
C ALA B 314 -16.04 3.47 -3.28
N TYR B 315 -16.28 3.18 -2.00
CA TYR B 315 -17.59 2.73 -1.55
C TYR B 315 -18.64 3.84 -1.66
N LEU B 316 -18.35 5.03 -1.13
CA LEU B 316 -19.30 6.14 -1.19
C LEU B 316 -19.66 6.47 -2.64
N ASN B 317 -18.68 6.36 -3.56
CA ASN B 317 -19.01 6.54 -4.96
C ASN B 317 -19.99 5.47 -5.45
N SER B 318 -19.68 4.21 -5.16
CA SER B 318 -20.41 3.08 -5.69
C SER B 318 -21.92 3.16 -5.39
N ILE B 319 -22.25 3.62 -4.19
CA ILE B 319 -23.64 3.75 -3.78
C ILE B 319 -24.23 5.12 -4.13
N GLY B 320 -23.44 5.99 -4.78
CA GLY B 320 -23.92 7.29 -5.22
C GLY B 320 -24.01 8.35 -4.11
N ARG B 321 -23.40 8.09 -2.95
CA ARG B 321 -23.50 9.07 -1.88
C ARG B 321 -22.55 10.22 -2.14
N ALA B 322 -21.37 9.90 -2.69
CA ALA B 322 -20.42 10.93 -3.06
C ALA B 322 -20.15 10.85 -4.55
N ASP B 323 -19.85 12.01 -5.13
CA ASP B 323 -19.52 12.12 -6.54
C ASP B 323 -18.06 12.56 -6.67
N TYR B 324 -17.37 12.00 -7.67
CA TYR B 324 -15.96 12.25 -7.87
C TYR B 324 -15.75 12.78 -9.28
N VAL B 325 -14.92 13.81 -9.39
CA VAL B 325 -14.64 14.51 -10.64
C VAL B 325 -13.12 14.63 -10.76
N SER B 326 -12.64 15.18 -11.90
CA SER B 326 -11.24 15.48 -12.02
C SER B 326 -11.01 16.93 -12.46
N ILE B 327 -9.81 17.45 -12.12
CA ILE B 327 -9.37 18.81 -12.45
C ILE B 327 -7.95 18.68 -12.97
N THR B 328 -7.67 19.30 -14.12
CA THR B 328 -6.37 19.16 -14.75
C THR B 328 -5.32 20.08 -14.09
N ASP B 329 -4.05 19.90 -14.48
CA ASP B 329 -2.98 20.76 -14.00
C ASP B 329 -3.34 22.22 -14.31
N ASP B 330 -3.79 22.51 -15.53
CA ASP B 330 -3.98 23.90 -15.91
C ASP B 330 -5.14 24.49 -15.11
N GLU B 331 -6.20 23.71 -14.88
CA GLU B 331 -7.32 24.19 -14.08
C GLU B 331 -6.88 24.50 -12.65
N ALA B 332 -6.11 23.59 -12.04
CA ALA B 332 -5.59 23.81 -10.69
C ALA B 332 -4.73 25.07 -10.63
N LEU B 333 -3.85 25.28 -11.62
CA LEU B 333 -3.00 26.46 -11.64
C LEU B 333 -3.82 27.76 -11.70
N GLU B 334 -4.90 27.76 -12.48
N GLU B 334 -4.92 27.74 -12.46
CA GLU B 334 -5.71 28.96 -12.59
CA GLU B 334 -5.71 28.94 -12.62
C GLU B 334 -6.34 29.25 -11.24
C GLU B 334 -6.47 29.25 -11.32
N ALA B 335 -6.84 28.21 -10.59
CA ALA B 335 -7.51 28.38 -9.31
C ALA B 335 -6.49 28.93 -8.30
N PHE B 336 -5.24 28.44 -8.38
CA PHE B 336 -4.16 28.91 -7.50
C PHE B 336 -3.96 30.40 -7.69
N LYS B 337 -3.79 30.83 -8.94
CA LYS B 337 -3.56 32.24 -9.23
C LYS B 337 -4.74 33.12 -8.76
N THR B 338 -5.95 32.64 -9.05
CA THR B 338 -7.17 33.36 -8.71
C THR B 338 -7.28 33.60 -7.20
N LEU B 339 -7.01 32.57 -6.39
CA LEU B 339 -7.15 32.75 -4.96
C LEU B 339 -6.09 33.72 -4.42
N CYS B 340 -4.86 33.66 -4.96
CA CYS B 340 -3.81 34.56 -4.49
C CYS B 340 -4.23 36.00 -4.74
N ARG B 341 -4.77 36.24 -5.94
CA ARG B 341 -4.96 37.57 -6.49
C ARG B 341 -6.17 38.24 -5.86
N HIS B 342 -7.20 37.43 -5.60
CA HIS B 342 -8.53 37.96 -5.29
C HIS B 342 -8.92 37.70 -3.83
N GLU B 343 -8.22 36.81 -3.14
CA GLU B 343 -8.52 36.63 -1.73
C GLU B 343 -7.27 36.76 -0.85
N GLY B 344 -6.09 36.83 -1.45
CA GLY B 344 -4.88 37.00 -0.63
C GLY B 344 -4.51 35.73 0.14
N ILE B 345 -4.90 34.56 -0.37
CA ILE B 345 -4.56 33.29 0.27
C ILE B 345 -3.82 32.45 -0.76
N ILE B 346 -2.64 31.96 -0.38
CA ILE B 346 -1.86 31.13 -1.30
C ILE B 346 -2.14 29.68 -0.95
N PRO B 347 -2.93 28.96 -1.78
CA PRO B 347 -3.37 27.60 -1.45
C PRO B 347 -2.36 26.57 -1.94
N ALA B 348 -2.31 25.41 -1.26
CA ALA B 348 -1.57 24.28 -1.80
C ALA B 348 -2.11 23.92 -3.19
N LEU B 349 -1.23 23.47 -4.08
CA LEU B 349 -1.68 23.05 -5.39
C LEU B 349 -2.64 21.86 -5.26
N GLU B 350 -2.55 21.06 -4.18
CA GLU B 350 -3.48 19.96 -4.00
C GLU B 350 -4.87 20.56 -3.79
N SER B 351 -4.95 21.52 -2.87
CA SER B 351 -6.20 22.17 -2.49
C SER B 351 -6.77 22.96 -3.67
N SER B 352 -5.88 23.44 -4.54
CA SER B 352 -6.27 24.21 -5.71
C SER B 352 -7.15 23.38 -6.64
N HIS B 353 -7.00 22.05 -6.59
CA HIS B 353 -7.86 21.20 -7.41
C HIS B 353 -9.30 21.30 -6.93
N ALA B 354 -9.49 21.26 -5.61
CA ALA B 354 -10.84 21.40 -5.07
C ALA B 354 -11.41 22.78 -5.41
N LEU B 355 -10.62 23.83 -5.16
CA LEU B 355 -11.04 25.18 -5.50
C LEU B 355 -11.43 25.28 -6.98
N ALA B 356 -10.62 24.71 -7.87
CA ALA B 356 -10.92 24.80 -9.28
C ALA B 356 -12.28 24.18 -9.62
N HIS B 357 -12.62 23.04 -8.99
CA HIS B 357 -13.91 22.44 -9.26
C HIS B 357 -15.06 23.33 -8.76
N ALA B 358 -14.91 23.94 -7.57
CA ALA B 358 -15.96 24.83 -7.06
C ALA B 358 -16.10 26.02 -8.00
N LEU B 359 -14.99 26.54 -8.54
CA LEU B 359 -15.08 27.69 -9.43
C LEU B 359 -15.80 27.30 -10.71
N LYS B 360 -15.59 26.06 -11.14
N LYS B 360 -15.61 26.06 -11.16
CA LYS B 360 -16.29 25.50 -12.28
CA LYS B 360 -16.36 25.58 -12.32
C LYS B 360 -17.79 25.39 -12.00
C LYS B 360 -17.84 25.46 -11.98
N MET B 361 -18.17 24.87 -10.83
CA MET B 361 -19.59 24.82 -10.46
C MET B 361 -20.24 26.20 -10.54
N MET B 362 -19.54 27.22 -10.06
CA MET B 362 -20.04 28.59 -10.09
C MET B 362 -20.13 29.10 -11.52
N ARG B 363 -19.04 28.96 -12.28
CA ARG B 363 -18.97 29.64 -13.57
C ARG B 363 -19.91 28.98 -14.59
N GLU B 364 -20.10 27.67 -14.46
CA GLU B 364 -20.89 26.95 -15.44
C GLU B 364 -22.36 27.31 -15.31
N GLN B 365 -22.79 27.62 -14.09
CA GLN B 365 -24.19 27.92 -13.80
C GLN B 365 -24.27 29.11 -12.84
N PRO B 366 -23.97 30.33 -13.33
CA PRO B 366 -23.72 31.46 -12.43
C PRO B 366 -24.97 32.05 -11.77
N GLU B 367 -26.15 31.63 -12.22
N GLU B 367 -26.15 31.63 -12.24
CA GLU B 367 -27.37 32.07 -11.54
CA GLU B 367 -27.39 32.05 -11.61
C GLU B 367 -27.94 30.97 -10.65
C GLU B 367 -28.00 30.92 -10.78
N LYS B 368 -27.24 29.84 -10.59
CA LYS B 368 -27.65 28.77 -9.68
C LYS B 368 -27.32 29.20 -8.24
N GLU B 369 -28.33 29.24 -7.37
CA GLU B 369 -28.03 29.49 -5.96
C GLU B 369 -27.36 28.28 -5.33
N GLN B 370 -26.14 28.46 -4.80
CA GLN B 370 -25.45 27.35 -4.17
C GLN B 370 -24.54 27.88 -3.06
N LEU B 371 -24.60 27.20 -1.92
CA LEU B 371 -23.71 27.41 -0.79
C LEU B 371 -22.68 26.27 -0.77
N LEU B 372 -21.42 26.62 -1.08
CA LEU B 372 -20.34 25.65 -1.23
C LEU B 372 -19.31 25.83 -0.12
N VAL B 373 -18.68 24.72 0.31
CA VAL B 373 -17.48 24.76 1.13
C VAL B 373 -16.38 23.96 0.44
N VAL B 374 -15.23 24.61 0.28
CA VAL B 374 -14.03 23.94 -0.22
C VAL B 374 -13.11 23.70 0.97
N ASN B 375 -12.60 22.47 1.08
CA ASN B 375 -11.64 22.17 2.12
C ASN B 375 -10.28 22.67 1.64
N LEU B 376 -9.78 23.76 2.22
N LEU B 376 -9.78 23.74 2.26
CA LEU B 376 -8.48 24.23 1.78
CA LEU B 376 -8.49 24.28 1.88
C LEU B 376 -7.41 23.52 2.60
C LEU B 376 -7.41 23.52 2.64
N SER B 377 -7.02 22.36 2.09
CA SER B 377 -6.28 21.38 2.88
C SER B 377 -4.89 21.87 3.31
N GLY B 378 -4.31 22.83 2.58
CA GLY B 378 -2.98 23.30 2.95
C GLY B 378 -2.62 24.63 2.29
N ARG B 379 -1.55 25.26 2.79
CA ARG B 379 -1.06 26.49 2.20
C ARG B 379 -0.05 26.13 1.12
N GLY B 380 0.22 27.09 0.23
CA GLY B 380 0.99 26.76 -0.96
C GLY B 380 2.37 27.40 -1.02
N ASP B 381 2.94 27.74 0.14
CA ASP B 381 4.33 28.16 0.19
C ASP B 381 5.24 27.14 -0.48
N LYS B 382 4.98 25.84 -0.27
CA LYS B 382 5.84 24.82 -0.83
C LYS B 382 5.78 24.81 -2.36
N ASP B 383 4.76 25.47 -2.94
CA ASP B 383 4.48 25.36 -4.36
C ASP B 383 4.93 26.60 -5.15
N ILE B 384 5.42 27.62 -4.44
CA ILE B 384 5.66 28.89 -5.12
C ILE B 384 6.77 28.75 -6.15
N PHE B 385 7.73 27.86 -5.92
CA PHE B 385 8.79 27.70 -6.91
C PHE B 385 8.23 27.01 -8.15
N THR B 386 7.53 25.89 -7.93
CA THR B 386 6.89 25.16 -9.01
C THR B 386 6.02 26.09 -9.85
N VAL B 387 5.17 26.88 -9.19
CA VAL B 387 4.31 27.77 -9.94
C VAL B 387 5.14 28.81 -10.69
N HIS B 388 6.16 29.37 -10.01
CA HIS B 388 7.03 30.36 -10.65
C HIS B 388 7.61 29.78 -11.93
N ASP B 389 8.17 28.57 -11.84
CA ASP B 389 8.88 27.98 -12.96
C ASP B 389 7.94 27.78 -14.15
N ILE B 390 6.65 27.49 -13.86
CA ILE B 390 5.66 27.27 -14.91
C ILE B 390 5.28 28.60 -15.56
N LEU B 391 4.93 29.59 -14.74
CA LEU B 391 4.53 30.88 -15.25
C LEU B 391 5.67 31.50 -16.07
N LYS B 392 6.91 31.22 -15.67
CA LYS B 392 8.03 31.79 -16.39
C LYS B 392 8.23 31.05 -17.71
N ALA B 393 7.97 29.74 -17.72
CA ALA B 393 8.23 28.93 -18.90
C ALA B 393 7.09 29.10 -19.91
N ARG B 394 5.91 29.51 -19.43
CA ARG B 394 4.77 29.71 -20.30
C ARG B 394 4.69 31.18 -20.72
N GLY B 395 5.44 32.03 -20.01
CA GLY B 395 5.80 33.34 -20.52
C GLY B 395 5.08 34.49 -19.82
N GLU B 396 4.45 34.23 -18.67
CA GLU B 396 3.75 35.28 -17.94
C GLU B 396 4.73 36.00 -17.01
C1 EDO C . -11.00 -8.28 -11.39
O1 EDO C . -11.14 -9.59 -10.87
C2 EDO C . -9.78 -7.57 -10.93
O2 EDO C . -9.00 -6.99 -11.97
C1 EDO D . 10.57 -17.51 -0.84
O1 EDO D . 9.34 -18.18 -0.69
C2 EDO D . 10.52 -16.51 -1.92
O2 EDO D . 11.54 -15.55 -1.73
N SER E . -3.33 -16.26 -14.77
CA SER E . -4.17 -15.24 -15.46
C SER E . -4.82 -15.84 -16.70
O SER E . -6.02 -15.67 -16.93
CB SER E . -3.34 -14.03 -15.81
OG SER E . -1.96 -14.36 -15.83
OXT SER E . -4.17 -16.54 -17.49
S DMS F . 11.45 -34.43 -12.15
O DMS F . 10.35 -33.73 -12.88
C1 DMS F . 12.93 -33.51 -12.47
C2 DMS F . 11.85 -35.87 -13.11
CL CL G . -4.33 -30.15 5.33
CL CL H . 7.29 -14.75 1.01
N1 1D0 I . -3.60 18.43 0.63
C2 1D0 I . 0.35 9.56 1.50
C4 1D0 I . -0.87 8.03 0.11
C5 1D0 I . -1.43 9.09 -0.57
C6 1D0 I . -1.11 10.39 -0.22
O 1D0 I . 1.23 9.85 2.51
C3 1D0 I . 0.01 8.25 1.15
C1 1D0 I . -0.23 10.62 0.81
N 1D0 I . 0.16 11.88 1.20
O3P 1D0 I . -6.00 12.77 0.10
P 1D0 I . -5.14 13.29 1.22
O1P 1D0 I . -4.72 12.19 2.20
O2P 1D0 I . -5.77 14.47 1.93
O4P 1D0 I . -3.75 13.77 0.53
C5M 1D0 I . -3.78 14.83 -0.48
C51 1D0 I . -3.24 16.13 0.09
C61 1D0 I . -4.05 17.24 0.16
C41 1D0 I . -1.93 16.22 0.54
C31 1D0 I . -1.49 17.44 1.05
O3 1D0 I . -0.22 17.59 1.51
C21 1D0 I . -2.37 18.54 1.09
C2A 1D0 I . -1.91 19.86 1.63
C4A 1D0 I . -1.06 15.00 0.44
N2 1D0 I . 0.37 15.17 0.71
CA 1D0 I . 1.12 14.14 0.80
C 1D0 I . 2.32 14.23 1.72
O1 1D0 I . 2.35 15.24 2.46
OXT 1D0 I . 3.17 13.30 1.68
CB 1D0 I . 0.77 12.81 0.27
N SER J . -18.66 -0.52 6.02
CA SER J . -19.43 0.06 4.88
C SER J . -20.10 1.35 5.34
O SER J . -21.31 1.35 5.62
CB SER J . -20.43 -0.94 4.36
OG SER J . -19.82 -2.21 4.16
OXT SER J . -19.48 2.41 5.49
C1 EDO K . 1.60 -4.58 -18.48
O1 EDO K . 2.89 -4.16 -18.11
C2 EDO K . 1.19 -4.32 -19.88
O2 EDO K . -0.11 -4.80 -20.17
C1 EDO L . -27.53 34.50 5.65
O1 EDO L . -27.09 34.37 6.99
C2 EDO L . -26.85 35.59 4.92
O2 EDO L . -25.91 35.12 3.97
S DMS M . -7.64 7.07 -18.95
O DMS M . -8.72 6.02 -18.79
C1 DMS M . -6.17 6.37 -18.24
C2 DMS M . -7.14 7.00 -20.65
S DMS N . -11.61 20.16 -19.03
O DMS N . -12.42 20.43 -20.27
C1 DMS N . -11.34 18.40 -18.99
C2 DMS N . -9.96 20.65 -19.40
S DMS O . 17.25 23.60 1.44
O DMS O . 16.08 23.12 0.64
C1 DMS O . 18.19 22.16 1.86
C2 DMS O . 16.61 23.94 3.07
S DMS P . -15.77 -9.17 1.94
O DMS P . -16.34 -10.17 0.98
C1 DMS P . -16.78 -9.26 3.40
C2 DMS P . -16.33 -7.58 1.38
S DMS Q . -7.73 28.46 20.29
O DMS Q . -8.66 28.96 19.21
C1 DMS Q . -6.38 27.66 19.44
C2 DMS Q . -6.83 29.88 20.86
S DMS R . -16.18 3.36 -12.37
O DMS R . -16.33 4.48 -11.37
C1 DMS R . -16.91 1.93 -11.61
C2 DMS R . -14.49 2.85 -12.27
S DMS S . -10.25 15.33 19.76
O DMS S . -10.88 16.69 19.94
C1 DMS S . -11.09 14.26 20.89
C2 DMS S . -10.94 14.67 18.26
S DMS T . -17.00 -6.51 13.02
O DMS T . -15.96 -7.29 12.28
C1 DMS T . -17.99 -7.72 13.88
C2 DMS T . -18.21 -6.02 11.81
S DMS U . -17.04 25.82 15.61
O DMS U . -17.93 26.09 16.80
C1 DMS U . -16.12 24.35 16.01
C2 DMS U . -15.71 26.98 15.72
CS CS V . -21.93 35.89 -4.58
CS CS W . -4.95 10.00 -6.40
CS CS W . -7.36 9.57 -6.12
CS CS X . -7.95 29.51 16.14
CL CL Y . -14.68 9.54 20.73
CL CL Z . -24.05 18.93 18.08
CL CL AA . -27.12 19.35 -2.86
CL CL BA . -8.23 0.93 -16.44
CL CL CA . -20.36 19.81 -12.29
CL CL DA . -26.92 7.86 -1.32
CL CL EA . 19.63 19.42 11.13
CL CL FA . 19.40 9.92 11.81
CL CL GA . -12.21 36.62 -10.18
CL CL HA . -15.33 8.60 25.51
CL CL IA . -31.13 28.37 -7.80
CL CL JA . -26.67 15.02 -2.47
CL CL KA . 12.96 -1.09 3.87
CL CL LA . -27.77 33.10 10.13
#